data_1W7I
#
_entry.id   1W7I
#
_cell.length_a   54.926
_cell.length_b   99.253
_cell.length_c   112.513
_cell.angle_alpha   90.00
_cell.angle_beta   101.78
_cell.angle_gamma   90.00
#
_symmetry.space_group_name_H-M   'P 1 21 1'
#
loop_
_entity.id
_entity.type
_entity.pdbx_description
1 polymer 'MYOSIN VA'
2 polymer 'MYOSIN LIGHT CHAIN 1, SLOW-TWITCH MUSCLE A ISOFORM'
3 non-polymer "ADENOSINE-5'-DIPHOSPHATE"
4 water water
#
loop_
_entity_poly.entity_id
_entity_poly.type
_entity_poly.pdbx_seq_one_letter_code
_entity_poly.pdbx_strand_id
1 'polypeptide(L)'
;MAASELYTKYARVWIPDPEEVWKSAELLKDYKPGDKVLQLRLEEGKDLEYCLDPKTKELPPLRNPDILVGENDLTALSYL
HEPAVLHNLKVRFIDSKLIYTYCGIVLVAINPYEQLPIYGEDIINAYSGQNMGDMDPHIFAVAEEAYKQMARDERNQSII
VSGESGAGKTVSAKYAMRYFATVSGSASEANVEEKVLASNPIMESIGNAKTTRNDNSSRFGKYIEIGFDKRYRIIGANMR
TYLLEKSRVVFQAEEERNYHIFYQLCASAALPEFKTLRLGNANYFHYTKQGGSPVIDGIDDAKEMVNTRQACTLLGISDS
YQMGIFRILAGILHLGNVEFASRDSDSCAIPPKHDPLTIFCDLMGVDYEEMAHWLCHRKLATATETYIKPISKLHAINAR
DALAKHIYANLFNWIVDHVNKALHSTVKQHSFIGVLDIYGFETFEINSFEQFCINYANEKLQQQFNMHVFKLEQEEYMKE
QIPWTLIDFYDNQPCINLIEAKMGVLDLLDEECKMPKGSDDTWAQKLYNTHLNKCALFEKPRLSNKAFIIKHFADKVEYQ
CEGFLEKNKDTVYEEQIKVLKSSKKFKLLPELFQDEEKAISPTSATPSGRVPLSRTPVKPAKARPGQTSKEHKKTVGHQF
RNSLHLLMETLNATTPHYVRCIKPNDFKFPFTFDEKRAVQQLRACGVLETIRISAAGFPSRWTYQEFFSRYRVLMKQKDV
LSDRKQTCKNVLEKLILDKDKYQFGKTKIFFRAGQVAYLEKIRADKLRAACIRIQKTIRGWLMRKKYMRMRRGDA
;
A
2 'polypeptide(L)'
;MIEFNKDQLEEFKEAFELFDRVGDGKILYSQCGDVMRALGQNPTNAEVLKVLGNPKSDELKSRRVDFETFLPMLQAVAKN
RGQGTYEDYLEGFRVFDKEGNGKVMGAELRHVLTTLGEKMTEEEVETVLAGHEDSNGCINYEAFLKHILSV
;
B
#
loop_
_chem_comp.id
_chem_comp.type
_chem_comp.name
_chem_comp.formula
ADP non-polymer ADENOSINE-5'-DIPHOSPHATE 'C10 H15 N5 O10 P2'
#
# COMPACT_ATOMS: atom_id res chain seq x y z
N GLU A 5 -16.46 3.42 28.26
CA GLU A 5 -16.52 4.41 27.14
C GLU A 5 -16.80 3.71 25.81
N LEU A 6 -15.79 3.62 24.94
CA LEU A 6 -15.92 3.02 23.61
C LEU A 6 -15.58 1.54 23.61
N TYR A 7 -14.81 1.08 24.61
CA TYR A 7 -14.44 -0.33 24.70
C TYR A 7 -15.44 -1.07 25.56
N THR A 8 -16.62 -1.31 25.01
CA THR A 8 -17.70 -1.97 25.73
C THR A 8 -17.71 -3.43 25.34
N LYS A 9 -18.50 -4.24 26.05
CA LYS A 9 -18.65 -5.66 25.71
C LYS A 9 -19.24 -5.79 24.30
N TYR A 10 -18.76 -6.79 23.55
CA TYR A 10 -19.21 -7.07 22.17
C TYR A 10 -18.54 -6.22 21.08
N ALA A 11 -18.01 -5.06 21.45
CA ALA A 11 -17.18 -4.27 20.54
C ALA A 11 -15.88 -5.04 20.29
N ARG A 12 -15.33 -4.90 19.10
CA ARG A 12 -14.15 -5.68 18.73
C ARG A 12 -12.94 -4.81 18.55
N VAL A 13 -11.79 -5.47 18.50
CA VAL A 13 -10.46 -4.84 18.40
C VAL A 13 -9.47 -5.70 17.56
N TRP A 14 -8.29 -5.17 17.30
CA TRP A 14 -7.21 -5.94 16.65
C TRP A 14 -6.04 -6.05 17.62
N ILE A 15 -5.61 -7.29 17.88
CA ILE A 15 -4.43 -7.57 18.71
C ILE A 15 -3.36 -8.15 17.80
N PRO A 16 -2.09 -8.07 18.18
CA PRO A 16 -1.00 -8.64 17.38
C PRO A 16 -1.03 -10.16 17.26
N ASP A 17 -0.48 -10.67 16.16
CA ASP A 17 -0.52 -12.07 15.76
C ASP A 17 0.73 -12.35 14.94
N PRO A 18 1.59 -13.27 15.37
CA PRO A 18 2.79 -13.61 14.59
C PRO A 18 2.47 -14.06 13.16
N GLU A 19 1.41 -14.84 12.97
CA GLU A 19 1.05 -15.32 11.64
C GLU A 19 0.48 -14.22 10.73
N GLU A 20 -0.67 -13.65 11.11
CA GLU A 20 -1.40 -12.70 10.26
C GLU A 20 -1.23 -11.23 10.64
N VAL A 21 -0.15 -10.91 11.35
CA VAL A 21 0.15 -9.54 11.80
C VAL A 21 -0.85 -8.99 12.86
N TRP A 22 -2.13 -8.97 12.52
CA TRP A 22 -3.22 -8.60 13.43
C TRP A 22 -4.25 -9.69 13.42
N LYS A 23 -5.00 -9.81 14.51
CA LYS A 23 -6.09 -10.75 14.61
C LYS A 23 -7.23 -10.08 15.36
N SER A 24 -8.45 -10.42 14.94
CA SER A 24 -9.65 -9.91 15.57
C SER A 24 -9.91 -10.53 16.94
N ALA A 25 -10.64 -9.80 17.77
CA ALA A 25 -10.95 -10.18 19.14
C ALA A 25 -12.24 -9.49 19.54
N GLU A 26 -13.01 -10.09 20.45
CA GLU A 26 -14.16 -9.39 21.03
C GLU A 26 -14.03 -9.26 22.54
N LEU A 27 -14.47 -8.13 23.07
CA LEU A 27 -14.44 -7.89 24.52
C LEU A 27 -15.54 -8.68 25.23
N LEU A 28 -15.12 -9.62 26.07
CA LEU A 28 -16.01 -10.44 26.88
C LEU A 28 -16.69 -9.66 28.02
N LYS A 29 -15.93 -8.79 28.69
CA LYS A 29 -16.47 -7.87 29.70
C LYS A 29 -16.05 -6.41 29.42
N ASP A 30 -16.88 -5.45 29.82
CA ASP A 30 -16.59 -4.02 29.58
C ASP A 30 -15.25 -3.66 30.20
N TYR A 31 -14.42 -2.92 29.46
CA TYR A 31 -13.16 -2.43 29.98
C TYR A 31 -13.40 -1.39 31.08
N LYS A 32 -12.94 -1.68 32.29
CA LYS A 32 -13.08 -0.77 33.42
C LYS A 32 -11.79 0.03 33.56
N PRO A 33 -11.85 1.34 33.82
CA PRO A 33 -10.62 2.16 33.90
C PRO A 33 -9.62 1.71 34.99
N GLY A 34 -8.33 1.81 34.67
CA GLY A 34 -7.29 1.34 35.56
C GLY A 34 -7.07 -0.18 35.52
N ASP A 35 -7.90 -0.91 34.77
CA ASP A 35 -7.75 -2.36 34.64
C ASP A 35 -6.45 -2.69 33.94
N LYS A 36 -5.93 -3.86 34.26
CA LYS A 36 -4.63 -4.31 33.76
C LYS A 36 -4.77 -5.25 32.56
N VAL A 37 -5.86 -6.03 32.52
CA VAL A 37 -6.08 -6.98 31.42
C VAL A 37 -7.51 -6.89 30.80
N LEU A 38 -7.60 -7.05 29.48
CA LEU A 38 -8.89 -7.21 28.80
C LEU A 38 -9.22 -8.69 28.65
N GLN A 39 -10.51 -8.97 28.45
CA GLN A 39 -10.99 -10.36 28.32
C GLN A 39 -11.53 -10.61 26.93
N LEU A 40 -10.79 -11.33 26.10
CA LEU A 40 -11.07 -11.40 24.67
C LEU A 40 -11.43 -12.79 24.10
N ARG A 41 -11.96 -12.78 22.86
CA ARG A 41 -12.43 -13.98 22.15
C ARG A 41 -11.95 -14.06 20.67
N LEU A 42 -11.22 -15.13 20.32
CA LEU A 42 -10.58 -15.32 18.98
C LEU A 42 -11.24 -16.33 17.99
N GLU A 43 -10.48 -16.70 16.93
CA GLU A 43 -10.94 -17.49 15.75
C GLU A 43 -10.93 -19.03 15.97
N GLU A 44 -11.79 -19.42 16.91
CA GLU A 44 -11.79 -20.73 17.57
C GLU A 44 -12.37 -20.53 19.00
N GLY A 45 -12.91 -19.32 19.26
CA GLY A 45 -13.80 -19.07 20.40
C GLY A 45 -13.24 -18.26 21.56
N LYS A 46 -14.01 -18.18 22.65
CA LYS A 46 -13.63 -17.46 23.87
C LYS A 46 -12.43 -18.11 24.58
N ASP A 47 -11.25 -17.47 24.47
CA ASP A 47 -10.03 -17.96 25.13
C ASP A 47 -8.96 -16.90 25.08
N LEU A 48 -8.66 -16.23 26.21
CA LEU A 48 -7.48 -15.34 26.33
C LEU A 48 -7.73 -14.11 27.22
N GLU A 49 -6.69 -13.71 27.97
CA GLU A 49 -6.70 -12.47 28.76
C GLU A 49 -5.56 -11.53 28.35
N TYR A 50 -5.90 -10.55 27.51
CA TYR A 50 -4.92 -9.66 26.88
C TYR A 50 -4.30 -8.70 27.90
N CYS A 51 -2.97 -8.72 28.01
CA CYS A 51 -2.25 -7.92 29.00
C CYS A 51 -1.85 -6.57 28.44
N LEU A 52 -2.21 -5.51 29.16
CA LEU A 52 -1.89 -4.14 28.78
C LEU A 52 -0.52 -3.73 29.31
N ASP A 53 0.37 -3.33 28.40
CA ASP A 53 1.70 -2.83 28.73
C ASP A 53 1.61 -1.78 29.85
N PRO A 54 2.10 -2.09 31.06
CA PRO A 54 1.98 -1.15 32.19
C PRO A 54 2.53 0.28 31.97
N LYS A 55 3.55 0.46 31.12
CA LYS A 55 4.22 1.76 30.94
C LYS A 55 3.41 2.79 30.12
N THR A 56 2.62 2.29 29.17
CA THR A 56 1.76 3.13 28.33
C THR A 56 0.29 3.06 28.74
N LYS A 57 -0.06 1.99 29.45
CA LYS A 57 -1.46 1.64 29.75
C LYS A 57 -2.37 1.62 28.50
N GLU A 58 -1.77 1.63 27.30
CA GLU A 58 -2.49 1.89 26.05
C GLU A 58 -3.34 0.69 25.65
N LEU A 59 -4.38 0.96 24.87
CA LEU A 59 -5.36 -0.04 24.50
C LEU A 59 -5.19 -0.42 23.04
N PRO A 60 -5.57 -1.65 22.70
CA PRO A 60 -5.46 -2.12 21.33
C PRO A 60 -6.40 -1.38 20.37
N PRO A 61 -6.00 -1.22 19.12
CA PRO A 61 -6.83 -0.54 18.11
C PRO A 61 -8.23 -1.11 17.91
N LEU A 62 -9.18 -0.23 17.61
CA LEU A 62 -10.59 -0.60 17.40
C LEU A 62 -10.92 -0.90 15.96
N ARG A 63 -11.86 -1.82 15.81
CA ARG A 63 -12.36 -2.26 14.54
C ARG A 63 -13.50 -1.34 14.07
N ASN A 64 -13.57 -1.08 12.78
CA ASN A 64 -14.63 -0.25 12.25
C ASN A 64 -15.89 -1.09 12.20
N PRO A 65 -17.05 -0.44 12.32
CA PRO A 65 -18.33 -1.10 12.12
C PRO A 65 -18.52 -1.45 10.65
N ASP A 66 -19.12 -2.61 10.41
CA ASP A 66 -19.22 -3.23 9.09
C ASP A 66 -19.71 -2.32 7.95
N ILE A 67 -20.65 -1.42 8.24
CA ILE A 67 -21.20 -0.52 7.21
C ILE A 67 -20.17 0.43 6.56
N LEU A 68 -19.01 0.59 7.20
CA LEU A 68 -17.91 1.39 6.67
C LEU A 68 -16.82 0.55 6.02
N VAL A 69 -16.95 -0.77 6.06
CA VAL A 69 -15.91 -1.69 5.61
C VAL A 69 -16.20 -2.18 4.20
N GLY A 70 -15.22 -2.06 3.31
CA GLY A 70 -15.34 -2.47 1.93
C GLY A 70 -15.50 -1.26 1.03
N GLU A 71 -15.38 -0.07 1.61
CA GLU A 71 -15.60 1.18 0.90
C GLU A 71 -14.56 1.40 -0.18
N ASN A 72 -14.88 2.27 -1.13
CA ASN A 72 -13.97 2.63 -2.20
C ASN A 72 -12.81 3.56 -1.79
N ASP A 73 -12.80 4.06 -0.56
CA ASP A 73 -11.81 5.07 -0.17
C ASP A 73 -11.52 4.96 1.31
N LEU A 74 -10.24 4.79 1.64
CA LEU A 74 -9.85 4.40 2.99
C LEU A 74 -10.23 5.46 3.98
N THR A 75 -10.02 6.72 3.61
CA THR A 75 -10.39 7.87 4.47
C THR A 75 -11.87 7.92 4.94
N ALA A 76 -12.75 7.20 4.24
CA ALA A 76 -14.11 6.96 4.73
C ALA A 76 -14.18 6.30 6.10
N LEU A 77 -13.11 5.60 6.49
CA LEU A 77 -13.10 4.76 7.69
C LEU A 77 -12.91 5.66 8.89
N SER A 78 -13.60 5.35 9.98
CA SER A 78 -13.58 6.21 11.15
C SER A 78 -12.30 5.95 11.91
N TYR A 79 -12.15 4.74 12.40
CA TYR A 79 -10.90 4.30 13.00
C TYR A 79 -9.90 4.00 11.88
N LEU A 80 -9.05 4.98 11.60
CA LEU A 80 -8.17 4.91 10.47
C LEU A 80 -6.76 4.64 11.01
N HIS A 81 -6.36 3.38 11.00
CA HIS A 81 -5.09 2.92 11.59
C HIS A 81 -4.64 1.62 10.93
N GLU A 82 -3.38 1.25 11.11
CA GLU A 82 -2.76 0.15 10.33
C GLU A 82 -3.64 -1.10 10.07
N PRO A 83 -4.18 -1.77 11.10
CA PRO A 83 -5.04 -2.93 10.85
C PRO A 83 -6.24 -2.59 10.02
N ALA A 84 -6.83 -1.42 10.24
CA ALA A 84 -8.03 -1.03 9.49
C ALA A 84 -7.77 -0.97 8.00
N VAL A 85 -6.69 -0.32 7.61
CA VAL A 85 -6.30 -0.26 6.23
C VAL A 85 -5.97 -1.66 5.70
N LEU A 86 -5.39 -2.49 6.54
CA LEU A 86 -4.89 -3.77 6.11
C LEU A 86 -6.04 -4.72 5.93
N HIS A 87 -7.01 -4.68 6.83
CA HIS A 87 -8.21 -5.52 6.70
C HIS A 87 -9.01 -5.12 5.48
N ASN A 88 -9.27 -3.84 5.39
CA ASN A 88 -10.18 -3.26 4.44
C ASN A 88 -9.70 -3.53 3.02
N LEU A 89 -8.39 -3.49 2.82
CA LEU A 89 -7.82 -3.82 1.52
C LEU A 89 -7.81 -5.32 1.27
N LYS A 90 -7.76 -6.12 2.33
CA LYS A 90 -7.79 -7.56 2.20
C LYS A 90 -9.16 -8.03 1.72
N VAL A 91 -10.23 -7.55 2.37
CA VAL A 91 -11.57 -8.04 2.01
C VAL A 91 -11.93 -7.66 0.57
N ARG A 92 -11.57 -6.44 0.15
CA ARG A 92 -11.87 -6.03 -1.21
C ARG A 92 -11.15 -6.93 -2.19
N PHE A 93 -9.89 -7.21 -1.88
CA PHE A 93 -9.01 -7.98 -2.75
C PHE A 93 -9.45 -9.41 -2.84
N ILE A 94 -9.62 -10.04 -1.69
CA ILE A 94 -9.91 -11.46 -1.61
C ILE A 94 -11.40 -11.81 -1.78
N ASP A 95 -12.28 -11.02 -1.19
CA ASP A 95 -13.72 -11.31 -1.22
C ASP A 95 -14.49 -10.60 -2.33
N SER A 96 -13.85 -9.77 -3.14
CA SER A 96 -14.56 -9.12 -4.23
C SER A 96 -13.67 -8.88 -5.44
N LYS A 97 -12.55 -9.60 -5.54
CA LYS A 97 -11.62 -9.44 -6.63
C LYS A 97 -11.37 -7.96 -7.04
N LEU A 98 -11.46 -7.02 -6.11
CA LEU A 98 -11.21 -5.61 -6.39
C LEU A 98 -9.79 -5.18 -6.07
N ILE A 99 -8.96 -4.97 -7.10
CA ILE A 99 -7.55 -4.58 -6.93
C ILE A 99 -7.28 -3.08 -6.74
N TYR A 100 -8.22 -2.20 -7.13
CA TYR A 100 -8.04 -0.73 -7.00
C TYR A 100 -8.84 -0.12 -5.87
N THR A 101 -8.21 0.77 -5.12
CA THR A 101 -8.85 1.45 -3.99
C THR A 101 -8.23 2.84 -3.87
N TYR A 102 -8.98 3.82 -3.42
CA TYR A 102 -8.40 5.13 -3.24
C TYR A 102 -7.94 5.27 -1.80
N CYS A 103 -6.83 5.96 -1.61
CA CYS A 103 -6.53 6.56 -0.34
C CYS A 103 -6.43 8.05 -0.58
N GLY A 104 -7.58 8.74 -0.47
CA GLY A 104 -7.64 10.16 -0.81
C GLY A 104 -7.31 10.33 -2.27
N ILE A 105 -6.33 11.16 -2.59
CA ILE A 105 -5.93 11.44 -3.97
C ILE A 105 -5.06 10.31 -4.60
N VAL A 106 -4.77 9.29 -3.79
CA VAL A 106 -3.90 8.18 -4.16
C VAL A 106 -4.74 6.97 -4.54
N LEU A 107 -4.29 6.25 -5.56
CA LEU A 107 -4.89 5.02 -6.00
C LEU A 107 -3.92 3.88 -5.66
N VAL A 108 -4.38 2.97 -4.80
CA VAL A 108 -3.60 1.81 -4.40
C VAL A 108 -3.96 0.71 -5.38
N ALA A 109 -2.95 0.02 -5.91
CA ALA A 109 -3.13 -1.03 -6.91
C ALA A 109 -2.43 -2.29 -6.44
N ILE A 110 -3.21 -3.33 -6.14
CA ILE A 110 -2.68 -4.58 -5.63
C ILE A 110 -2.61 -5.55 -6.77
N ASN A 111 -1.42 -6.09 -7.00
CA ASN A 111 -1.14 -7.00 -8.11
C ASN A 111 -1.91 -8.31 -7.96
N PRO A 112 -2.88 -8.53 -8.84
CA PRO A 112 -3.73 -9.73 -8.80
C PRO A 112 -3.09 -11.01 -9.30
N TYR A 113 -2.04 -10.93 -10.10
CA TYR A 113 -1.36 -12.13 -10.63
C TYR A 113 -2.33 -13.07 -11.41
N GLU A 114 -3.35 -12.44 -12.00
CA GLU A 114 -4.38 -13.13 -12.74
C GLU A 114 -4.95 -12.10 -13.66
N GLN A 115 -5.08 -12.40 -14.93
CA GLN A 115 -5.68 -11.44 -15.89
C GLN A 115 -7.18 -11.24 -15.67
N LEU A 116 -7.58 -9.98 -15.75
CA LEU A 116 -8.95 -9.61 -15.46
C LEU A 116 -9.62 -8.93 -16.65
N PRO A 117 -10.94 -9.11 -16.77
CA PRO A 117 -11.71 -8.48 -17.84
C PRO A 117 -12.18 -7.11 -17.42
N ILE A 118 -11.26 -6.22 -17.02
CA ILE A 118 -11.63 -4.88 -16.56
C ILE A 118 -10.84 -3.81 -17.30
N TYR A 119 -10.24 -4.23 -18.43
CA TYR A 119 -9.36 -3.38 -19.23
C TYR A 119 -9.77 -3.25 -20.73
N GLY A 120 -10.91 -3.83 -21.12
CA GLY A 120 -11.35 -3.78 -22.50
C GLY A 120 -12.01 -2.46 -22.89
N GLU A 121 -12.46 -2.38 -24.14
CA GLU A 121 -12.98 -1.13 -24.71
C GLU A 121 -14.25 -0.66 -24.02
N ASP A 122 -15.14 -1.60 -23.71
CA ASP A 122 -16.42 -1.26 -23.08
C ASP A 122 -16.19 -0.50 -21.78
N ILE A 123 -15.24 -0.96 -20.97
CA ILE A 123 -14.96 -0.34 -19.66
C ILE A 123 -14.30 1.01 -19.83
N ILE A 124 -13.46 1.15 -20.86
CA ILE A 124 -12.83 2.43 -21.17
C ILE A 124 -13.89 3.50 -21.42
N ASN A 125 -14.89 3.18 -22.24
CA ASN A 125 -15.97 4.12 -22.56
C ASN A 125 -16.72 4.56 -21.31
N ALA A 126 -16.98 3.62 -20.42
CA ALA A 126 -17.74 3.90 -19.21
C ALA A 126 -17.05 4.94 -18.34
N TYR A 127 -15.72 4.96 -18.38
CA TYR A 127 -14.94 5.93 -17.58
C TYR A 127 -14.75 7.20 -18.36
N SER A 128 -14.90 7.11 -19.67
CA SER A 128 -14.78 8.26 -20.55
C SER A 128 -15.79 9.34 -20.19
N GLY A 129 -15.28 10.52 -19.88
CA GLY A 129 -16.11 11.66 -19.53
C GLY A 129 -16.89 11.64 -18.21
N GLN A 130 -16.58 10.73 -17.31
CA GLN A 130 -17.16 10.73 -15.97
C GLN A 130 -16.27 11.47 -15.00
N ASN A 131 -16.80 11.77 -13.83
CA ASN A 131 -15.99 12.36 -12.75
C ASN A 131 -15.28 11.24 -11.99
N MET A 132 -14.10 11.54 -11.45
CA MET A 132 -13.39 10.52 -10.68
C MET A 132 -14.29 9.92 -9.60
N GLY A 133 -14.79 10.79 -8.73
CA GLY A 133 -15.55 10.36 -7.56
C GLY A 133 -16.97 9.87 -7.79
N ASP A 134 -17.31 9.44 -9.00
CA ASP A 134 -18.63 8.84 -9.30
C ASP A 134 -18.52 7.50 -10.05
N MET A 135 -17.31 6.95 -10.08
CA MET A 135 -16.98 5.69 -10.76
C MET A 135 -15.99 4.90 -9.90
N ASP A 136 -16.18 3.58 -9.89
CA ASP A 136 -15.34 2.69 -9.09
C ASP A 136 -13.88 2.97 -9.43
N PRO A 137 -12.99 2.97 -8.43
CA PRO A 137 -11.58 3.28 -8.67
C PRO A 137 -10.92 2.38 -9.71
N HIS A 138 -10.07 2.96 -10.53
CA HIS A 138 -9.46 2.27 -11.65
C HIS A 138 -8.24 3.07 -12.11
N ILE A 139 -7.29 2.38 -12.73
CA ILE A 139 -6.17 3.11 -13.29
C ILE A 139 -6.76 4.08 -14.34
N PHE A 140 -7.74 3.58 -15.12
CA PHE A 140 -8.53 4.36 -16.06
C PHE A 140 -9.15 5.65 -15.49
N ALA A 141 -9.62 5.61 -14.25
CA ALA A 141 -10.16 6.81 -13.64
C ALA A 141 -9.08 7.81 -13.44
N VAL A 142 -7.88 7.37 -13.11
CA VAL A 142 -6.76 8.30 -12.86
C VAL A 142 -6.31 8.88 -14.21
N ALA A 143 -6.34 8.07 -15.26
CA ALA A 143 -6.04 8.57 -16.60
C ALA A 143 -6.99 9.69 -17.00
N GLU A 144 -8.30 9.42 -16.90
CA GLU A 144 -9.34 10.37 -17.29
C GLU A 144 -9.20 11.71 -16.59
N GLU A 145 -8.91 11.67 -15.31
CA GLU A 145 -8.69 12.90 -14.56
C GLU A 145 -7.52 13.70 -15.14
N ALA A 146 -6.48 12.99 -15.57
CA ALA A 146 -5.30 13.65 -16.12
C ALA A 146 -5.66 14.37 -17.43
N TYR A 147 -6.18 13.63 -18.41
CA TYR A 147 -6.75 14.18 -19.66
C TYR A 147 -7.73 15.34 -19.43
N LYS A 148 -8.51 15.28 -18.35
CA LYS A 148 -9.44 16.35 -17.99
C LYS A 148 -8.66 17.57 -17.52
N GLN A 149 -8.20 17.59 -16.29
CA GLN A 149 -7.36 18.68 -15.78
C GLN A 149 -6.36 19.30 -16.80
N MET A 150 -5.95 18.53 -17.81
CA MET A 150 -5.08 19.04 -18.87
C MET A 150 -5.70 20.27 -19.55
N ALA A 151 -6.83 20.06 -20.23
CA ALA A 151 -7.58 21.12 -20.92
C ALA A 151 -8.18 22.13 -19.93
N ARG A 152 -8.90 21.63 -18.94
CA ARG A 152 -9.47 22.48 -17.91
C ARG A 152 -8.46 23.43 -17.22
N ASP A 153 -7.15 23.27 -17.46
CA ASP A 153 -6.11 24.15 -16.86
C ASP A 153 -4.90 24.53 -17.76
N GLU A 154 -4.93 24.10 -19.03
CA GLU A 154 -3.82 24.29 -20.00
C GLU A 154 -2.46 23.90 -19.41
N ARG A 155 -2.43 22.76 -18.74
CA ARG A 155 -1.36 22.36 -17.83
C ARG A 155 -1.03 20.92 -18.13
N ASN A 156 0.25 20.62 -18.35
CA ASN A 156 0.70 19.22 -18.49
C ASN A 156 0.52 18.42 -17.20
N GLN A 157 0.27 17.12 -17.37
CA GLN A 157 0.11 16.18 -16.24
C GLN A 157 1.23 15.13 -16.08
N SER A 158 1.60 14.89 -14.83
CA SER A 158 2.50 13.78 -14.46
C SER A 158 1.69 12.73 -13.69
N ILE A 159 1.53 11.52 -14.22
CA ILE A 159 1.09 10.36 -13.38
C ILE A 159 2.31 9.63 -12.76
N ILE A 160 2.50 9.80 -11.45
CA ILE A 160 3.61 9.18 -10.70
C ILE A 160 3.30 7.76 -10.15
N VAL A 161 3.75 6.73 -10.83
CA VAL A 161 3.50 5.34 -10.42
C VAL A 161 4.66 4.80 -9.60
N SER A 162 4.49 4.65 -8.28
CA SER A 162 5.52 4.04 -7.42
C SER A 162 5.15 2.69 -6.79
N GLY A 163 6.17 1.99 -6.29
CA GLY A 163 6.01 0.68 -5.65
C GLY A 163 7.26 -0.18 -5.81
N GLU A 164 7.41 -1.21 -4.98
CA GLU A 164 8.55 -2.12 -5.10
C GLU A 164 8.55 -2.74 -6.47
N SER A 165 9.70 -3.24 -6.89
CA SER A 165 9.78 -3.95 -8.14
C SER A 165 8.86 -5.16 -8.12
N GLY A 166 8.12 -5.33 -9.21
CA GLY A 166 7.17 -6.42 -9.35
C GLY A 166 5.78 -6.19 -8.82
N ALA A 167 5.54 -5.01 -8.25
CA ALA A 167 4.20 -4.62 -7.80
C ALA A 167 3.23 -4.30 -8.97
N GLY A 168 3.77 -4.12 -10.17
CA GLY A 168 2.95 -3.89 -11.35
C GLY A 168 2.96 -2.46 -11.90
N LYS A 169 3.92 -1.65 -11.45
CA LYS A 169 4.12 -0.31 -11.94
C LYS A 169 4.15 -0.27 -13.49
N THR A 170 4.83 -1.24 -14.07
CA THR A 170 4.96 -1.25 -15.51
C THR A 170 3.61 -1.50 -16.14
N VAL A 171 2.86 -2.48 -15.65
CA VAL A 171 1.50 -2.77 -16.16
C VAL A 171 0.53 -1.57 -15.98
N SER A 172 0.66 -0.84 -14.88
CA SER A 172 -0.21 0.29 -14.64
C SER A 172 0.00 1.34 -15.72
N ALA A 173 1.25 1.60 -16.04
CA ALA A 173 1.57 2.56 -17.09
C ALA A 173 0.96 2.09 -18.39
N LYS A 174 1.29 0.86 -18.80
CA LYS A 174 0.75 0.24 -20.01
C LYS A 174 -0.75 0.46 -20.23
N TYR A 175 -1.55 0.52 -19.17
CA TYR A 175 -2.99 0.71 -19.31
C TYR A 175 -3.40 2.18 -19.27
N ALA A 176 -2.62 3.02 -18.59
CA ALA A 176 -2.88 4.46 -18.62
C ALA A 176 -2.64 5.02 -20.02
N MET A 177 -1.62 4.51 -20.70
CA MET A 177 -1.44 4.80 -22.12
C MET A 177 -2.67 4.39 -22.92
N ARG A 178 -2.93 3.09 -23.02
CA ARG A 178 -4.07 2.61 -23.80
C ARG A 178 -5.28 3.51 -23.62
N TYR A 179 -5.54 3.97 -22.41
CA TYR A 179 -6.65 4.86 -22.19
C TYR A 179 -6.43 6.07 -23.07
N PHE A 180 -5.48 6.91 -22.69
CA PHE A 180 -5.05 8.09 -23.47
C PHE A 180 -5.00 7.92 -25.00
N ALA A 181 -4.73 6.70 -25.47
CA ALA A 181 -4.65 6.42 -26.90
C ALA A 181 -6.05 6.30 -27.46
N THR A 182 -6.87 5.50 -26.80
CA THR A 182 -8.26 5.25 -27.21
C THR A 182 -9.15 6.51 -27.07
N VAL A 183 -8.92 7.34 -26.07
CA VAL A 183 -9.77 8.50 -25.82
C VAL A 183 -9.14 9.80 -26.29
N SER A 184 -8.79 9.86 -27.56
CA SER A 184 -8.07 11.03 -28.07
C SER A 184 -8.33 11.34 -29.54
N GLY A 185 -8.59 10.29 -30.33
CA GLY A 185 -8.66 10.43 -31.78
C GLY A 185 -7.96 9.31 -32.48
N SER A 186 -6.88 8.80 -31.86
CA SER A 186 -6.01 7.78 -32.46
C SER A 186 -5.19 8.39 -33.61
N ALA A 187 -3.91 8.04 -33.69
CA ALA A 187 -3.10 8.38 -34.85
C ALA A 187 -2.85 7.09 -35.66
N SER A 188 -2.81 7.22 -36.99
CA SER A 188 -2.78 6.06 -37.90
C SER A 188 -1.47 5.22 -37.78
N GLU A 189 -0.42 5.64 -38.50
CA GLU A 189 0.86 4.92 -38.54
C GLU A 189 1.63 5.02 -37.23
N ALA A 190 1.17 5.88 -36.32
CA ALA A 190 1.76 5.97 -34.98
C ALA A 190 1.35 4.77 -34.11
N ASN A 191 0.08 4.68 -33.74
CA ASN A 191 -0.36 3.75 -32.70
C ASN A 191 0.71 3.72 -31.62
N VAL A 192 1.00 4.89 -31.06
CA VAL A 192 2.19 5.12 -30.24
C VAL A 192 2.40 3.98 -29.23
N GLU A 193 1.36 3.67 -28.46
CA GLU A 193 1.37 2.58 -27.50
C GLU A 193 2.37 1.48 -27.89
N GLU A 194 2.16 0.87 -29.06
CA GLU A 194 2.92 -0.32 -29.48
C GLU A 194 4.44 -0.11 -29.57
N LYS A 195 4.85 1.04 -30.09
CA LYS A 195 6.27 1.39 -30.21
C LYS A 195 6.93 1.49 -28.84
N VAL A 196 6.34 2.32 -27.98
CA VAL A 196 6.78 2.50 -26.59
C VAL A 196 6.91 1.17 -25.85
N LEU A 197 5.94 0.29 -26.01
CA LEU A 197 5.93 -0.97 -25.27
C LEU A 197 6.99 -1.89 -25.80
N ALA A 198 7.43 -1.67 -27.04
CA ALA A 198 8.54 -2.43 -27.59
C ALA A 198 9.84 -1.88 -27.03
N SER A 199 9.85 -0.61 -26.61
CA SER A 199 11.01 -0.06 -25.92
C SER A 199 11.31 -0.83 -24.63
N ASN A 200 10.28 -1.25 -23.90
CA ASN A 200 10.48 -1.93 -22.62
C ASN A 200 11.57 -3.00 -22.55
N PRO A 201 11.65 -3.94 -23.47
CA PRO A 201 12.73 -4.94 -23.39
C PRO A 201 14.13 -4.32 -23.42
N ILE A 202 14.28 -3.22 -24.17
CA ILE A 202 15.56 -2.53 -24.25
C ILE A 202 15.94 -1.93 -22.91
N MET A 203 15.09 -1.02 -22.44
CA MET A 203 15.26 -0.35 -21.15
C MET A 203 15.43 -1.33 -20.00
N GLU A 204 14.75 -2.45 -20.07
CA GLU A 204 14.90 -3.44 -19.01
C GLU A 204 16.27 -4.14 -19.03
N SER A 205 16.92 -4.21 -20.18
CA SER A 205 18.23 -4.86 -20.30
C SER A 205 19.38 -3.97 -19.84
N ILE A 206 19.26 -2.67 -20.09
CA ILE A 206 20.33 -1.70 -19.72
C ILE A 206 20.04 -0.98 -18.40
N GLY A 207 18.79 -1.04 -17.94
CA GLY A 207 18.35 -0.35 -16.73
C GLY A 207 17.86 -1.20 -15.56
N ASN A 208 17.57 -2.48 -15.81
CA ASN A 208 17.12 -3.38 -14.75
C ASN A 208 18.16 -4.43 -14.42
N ALA A 209 18.14 -4.90 -13.17
CA ALA A 209 19.05 -5.95 -12.71
C ALA A 209 18.45 -6.86 -11.63
N LYS A 210 19.10 -7.99 -11.40
CA LYS A 210 18.70 -8.89 -10.32
C LYS A 210 19.32 -8.37 -9.09
N THR A 211 18.57 -8.34 -8.01
CA THR A 211 19.06 -7.88 -6.71
C THR A 211 18.89 -9.03 -5.72
N THR A 212 19.20 -8.80 -4.45
CA THR A 212 19.02 -9.87 -3.47
C THR A 212 17.54 -10.16 -3.23
N ARG A 213 16.64 -9.24 -3.54
CA ARG A 213 15.22 -9.47 -3.26
C ARG A 213 14.34 -9.50 -4.50
N ASN A 214 14.92 -9.34 -5.67
CA ASN A 214 14.10 -9.19 -6.87
C ASN A 214 14.85 -9.57 -8.11
N ASP A 215 14.21 -10.36 -8.94
CA ASP A 215 14.89 -10.92 -10.08
C ASP A 215 14.99 -9.89 -11.20
N ASN A 216 14.03 -8.97 -11.26
CA ASN A 216 14.03 -7.93 -12.28
C ASN A 216 13.73 -6.49 -11.80
N SER A 217 14.66 -5.90 -11.07
CA SER A 217 14.48 -4.57 -10.51
C SER A 217 15.05 -3.41 -11.34
N SER A 218 14.24 -2.40 -11.57
CA SER A 218 14.70 -1.17 -12.22
C SER A 218 15.51 -0.31 -11.26
N ARG A 219 16.75 -0.06 -11.63
CA ARG A 219 17.66 0.78 -10.86
C ARG A 219 17.74 2.14 -11.52
N PHE A 220 16.60 2.63 -12.00
CA PHE A 220 16.45 3.99 -12.51
C PHE A 220 14.99 4.42 -12.60
N GLY A 221 14.81 5.73 -12.71
CA GLY A 221 13.52 6.35 -13.00
C GLY A 221 13.35 6.52 -14.49
N LYS A 222 12.28 5.92 -15.03
CA LYS A 222 11.82 6.19 -16.39
C LYS A 222 10.64 7.15 -16.37
N TYR A 223 10.61 8.07 -17.33
CA TYR A 223 9.54 9.07 -17.47
C TYR A 223 9.17 9.15 -18.94
N ILE A 224 8.10 8.45 -19.34
CA ILE A 224 7.58 8.57 -20.70
C ILE A 224 6.60 9.73 -20.72
N GLU A 225 6.92 10.73 -21.53
CA GLU A 225 6.05 11.87 -21.79
C GLU A 225 5.19 11.49 -22.96
N ILE A 226 3.87 11.65 -22.80
CA ILE A 226 2.91 11.48 -23.89
C ILE A 226 2.56 12.86 -24.46
N GLY A 227 2.95 13.11 -25.71
CA GLY A 227 2.69 14.36 -26.39
C GLY A 227 1.33 14.51 -27.05
N PHE A 228 0.74 15.70 -26.87
CA PHE A 228 -0.60 16.05 -27.36
C PHE A 228 -0.61 17.38 -28.13
N ASP A 229 -1.37 17.42 -29.22
CA ASP A 229 -1.50 18.64 -30.06
C ASP A 229 -2.54 19.65 -29.52
N LYS A 230 -2.78 20.72 -30.29
CA LYS A 230 -3.75 21.77 -29.93
C LYS A 230 -5.20 21.25 -29.89
N ARG A 231 -5.47 20.21 -30.71
CA ARG A 231 -6.74 19.49 -30.73
C ARG A 231 -6.68 18.16 -29.94
N TYR A 232 -5.84 18.14 -28.91
CA TYR A 232 -5.71 17.02 -27.94
C TYR A 232 -5.80 15.61 -28.52
N ARG A 233 -4.70 15.18 -29.13
CA ARG A 233 -4.62 13.88 -29.79
C ARG A 233 -3.21 13.30 -29.65
N ILE A 234 -3.11 11.98 -29.49
CA ILE A 234 -1.83 11.31 -29.34
C ILE A 234 -1.03 11.39 -30.63
N ILE A 235 0.13 12.01 -30.54
CA ILE A 235 1.02 12.26 -31.68
C ILE A 235 2.35 11.51 -31.48
N GLY A 236 2.97 11.68 -30.31
CA GLY A 236 4.22 10.99 -29.99
C GLY A 236 4.49 10.87 -28.49
N ALA A 237 5.63 10.27 -28.17
CA ALA A 237 6.11 10.16 -26.78
C ALA A 237 7.53 10.69 -26.61
N ASN A 238 7.99 10.82 -25.37
CA ASN A 238 9.37 11.24 -25.11
C ASN A 238 9.94 10.72 -23.76
N MET A 239 10.73 9.65 -23.84
CA MET A 239 11.36 9.03 -22.66
C MET A 239 12.45 9.91 -22.03
N ARG A 240 12.38 10.08 -20.72
CA ARG A 240 13.44 10.72 -19.94
C ARG A 240 13.97 9.78 -18.83
N THR A 241 15.28 9.50 -18.78
CA THR A 241 15.80 8.69 -17.68
C THR A 241 16.42 9.54 -16.60
N TYR A 242 16.50 8.98 -15.39
CA TYR A 242 17.07 9.66 -14.21
C TYR A 242 17.59 8.63 -13.23
N LEU A 243 18.30 9.11 -12.20
CA LEU A 243 18.70 8.32 -11.02
C LEU A 243 19.32 6.94 -11.29
N LEU A 244 20.19 6.82 -12.28
CA LEU A 244 20.75 5.52 -12.62
C LEU A 244 21.81 5.03 -11.61
N GLU A 245 21.77 3.72 -11.30
CA GLU A 245 22.71 3.07 -10.40
C GLU A 245 24.07 2.78 -11.07
N LYS A 246 24.90 3.80 -11.16
CA LYS A 246 26.18 3.70 -11.85
C LYS A 246 27.10 2.72 -11.16
N SER A 247 27.10 2.73 -9.84
CA SER A 247 27.88 1.81 -9.02
C SER A 247 27.78 0.35 -9.47
N ARG A 248 26.57 -0.06 -9.85
CA ARG A 248 26.28 -1.45 -10.19
C ARG A 248 27.08 -1.97 -11.39
N VAL A 249 27.72 -1.07 -12.12
CA VAL A 249 28.38 -1.46 -13.35
C VAL A 249 29.69 -2.19 -13.05
N VAL A 250 30.32 -1.85 -11.93
CA VAL A 250 31.60 -2.45 -11.53
C VAL A 250 31.60 -3.16 -10.16
N PHE A 251 30.53 -3.02 -9.40
CA PHE A 251 30.41 -3.69 -8.11
C PHE A 251 29.09 -4.43 -8.07
N GLN A 252 29.12 -5.64 -7.52
CA GLN A 252 27.91 -6.34 -7.10
C GLN A 252 28.15 -6.92 -5.71
N ALA A 253 27.09 -7.04 -4.93
CA ALA A 253 27.16 -7.70 -3.63
C ALA A 253 26.53 -9.08 -3.77
N GLU A 254 26.62 -9.91 -2.74
CA GLU A 254 26.20 -11.30 -2.80
C GLU A 254 24.78 -11.48 -3.36
N GLU A 255 24.67 -12.39 -4.31
CA GLU A 255 23.40 -12.82 -4.96
C GLU A 255 22.75 -11.80 -5.91
N GLU A 256 23.54 -10.84 -6.37
CA GLU A 256 23.10 -9.77 -7.28
C GLU A 256 23.94 -9.76 -8.56
N ARG A 257 23.29 -9.55 -9.69
CA ARG A 257 24.00 -9.37 -10.96
C ARG A 257 24.16 -7.88 -11.37
N ASN A 258 25.03 -7.65 -12.36
CA ASN A 258 25.09 -6.40 -13.10
C ASN A 258 23.87 -6.33 -13.98
N TYR A 259 23.68 -5.20 -14.67
CA TYR A 259 22.52 -5.00 -15.54
C TYR A 259 22.35 -6.15 -16.51
N HIS A 260 21.11 -6.48 -16.82
CA HIS A 260 20.81 -7.69 -17.59
C HIS A 260 21.68 -7.83 -18.81
N ILE A 261 21.65 -6.82 -19.67
CA ILE A 261 22.33 -6.88 -20.97
C ILE A 261 23.70 -7.56 -20.96
N PHE A 262 24.51 -7.36 -19.91
CA PHE A 262 25.78 -8.06 -19.82
C PHE A 262 25.58 -9.57 -19.85
N TYR A 263 24.57 -10.06 -19.16
CA TYR A 263 24.33 -11.50 -19.05
C TYR A 263 23.66 -12.09 -20.29
N GLN A 264 22.85 -11.28 -20.97
CA GLN A 264 22.30 -11.60 -22.28
C GLN A 264 23.36 -11.57 -23.38
N LEU A 265 24.59 -11.25 -23.00
CA LEU A 265 25.70 -11.17 -23.92
C LEU A 265 26.62 -12.36 -23.70
N CYS A 266 26.91 -12.70 -22.45
CA CYS A 266 27.73 -13.87 -22.16
C CYS A 266 27.05 -15.16 -22.61
N ALA A 267 25.77 -15.28 -22.29
CA ALA A 267 24.97 -16.43 -22.70
C ALA A 267 24.80 -16.50 -24.22
N SER A 268 25.03 -15.39 -24.92
CA SER A 268 25.03 -15.37 -26.38
C SER A 268 26.45 -15.32 -26.98
N ALA A 269 27.41 -15.93 -26.28
CA ALA A 269 28.84 -15.78 -26.64
C ALA A 269 29.32 -16.74 -27.72
N ALA A 270 28.86 -18.00 -27.65
CA ALA A 270 29.23 -19.00 -28.64
C ALA A 270 28.46 -18.83 -29.95
N LEU A 271 27.72 -17.72 -30.10
CA LEU A 271 27.05 -17.39 -31.36
C LEU A 271 28.06 -16.83 -32.36
N PRO A 272 27.89 -17.15 -33.64
CA PRO A 272 28.75 -16.65 -34.74
C PRO A 272 29.04 -15.13 -34.77
N GLU A 273 28.02 -14.32 -35.04
CA GLU A 273 28.17 -12.86 -35.06
C GLU A 273 28.83 -12.26 -33.82
N PHE A 274 28.83 -12.97 -32.71
CA PHE A 274 29.44 -12.50 -31.47
C PHE A 274 30.73 -13.26 -31.11
N LYS A 275 31.63 -13.45 -32.06
CA LYS A 275 32.92 -14.11 -31.79
C LYS A 275 34.08 -13.12 -31.70
N THR A 276 34.02 -12.04 -32.51
CA THR A 276 34.97 -10.92 -32.35
C THR A 276 34.96 -10.36 -30.93
N LEU A 277 33.77 -10.36 -30.32
CA LEU A 277 33.55 -9.84 -28.98
C LEU A 277 34.33 -10.64 -27.94
N ARG A 278 34.53 -11.93 -28.24
CA ARG A 278 35.44 -12.78 -27.49
C ARG A 278 35.08 -12.79 -26.01
N LEU A 279 34.02 -13.54 -25.70
CA LEU A 279 33.44 -13.61 -24.36
C LEU A 279 33.41 -15.02 -23.85
N GLY A 280 33.80 -15.20 -22.60
CA GLY A 280 33.55 -16.45 -21.90
C GLY A 280 32.17 -16.43 -21.25
N ASN A 281 32.00 -17.24 -20.24
CA ASN A 281 30.83 -17.23 -19.38
C ASN A 281 30.96 -16.12 -18.33
N ALA A 282 29.97 -16.01 -17.45
CA ALA A 282 29.86 -14.85 -16.56
C ALA A 282 30.84 -14.87 -15.37
N ASN A 283 31.36 -16.05 -15.01
CA ASN A 283 32.35 -16.15 -13.94
C ASN A 283 33.70 -15.64 -14.36
N TYR A 284 33.87 -15.47 -15.68
CA TYR A 284 35.12 -15.00 -16.27
C TYR A 284 35.40 -13.53 -15.96
N PHE A 285 34.44 -12.67 -16.31
CA PHE A 285 34.58 -11.23 -16.15
C PHE A 285 34.34 -10.75 -14.72
N HIS A 286 35.23 -9.88 -14.26
CA HIS A 286 35.18 -9.27 -12.92
C HIS A 286 33.87 -8.52 -12.72
N TYR A 287 33.45 -7.76 -13.75
CA TYR A 287 32.26 -6.91 -13.67
C TYR A 287 30.93 -7.66 -13.78
N THR A 288 30.95 -9.01 -13.84
CA THR A 288 29.72 -9.82 -13.83
C THR A 288 29.74 -11.01 -12.85
N LYS A 289 30.87 -11.25 -12.20
CA LYS A 289 31.04 -12.45 -11.36
C LYS A 289 30.84 -12.20 -9.86
N GLN A 290 31.04 -10.96 -9.43
CA GLN A 290 31.15 -10.58 -8.00
C GLN A 290 30.05 -11.09 -7.07
N GLY A 291 28.84 -11.29 -7.58
CA GLY A 291 27.72 -11.68 -6.75
C GLY A 291 27.65 -13.16 -6.54
N GLY A 292 28.13 -13.93 -7.53
CA GLY A 292 28.02 -15.37 -7.52
C GLY A 292 26.71 -15.83 -8.13
N SER A 293 25.89 -14.91 -8.61
CA SER A 293 24.59 -15.30 -9.15
C SER A 293 24.55 -15.09 -10.65
N PRO A 294 25.14 -16.00 -11.42
CA PRO A 294 25.21 -15.84 -12.88
C PRO A 294 23.87 -16.06 -13.60
N VAL A 295 23.01 -16.93 -13.08
CA VAL A 295 21.76 -17.29 -13.77
C VAL A 295 20.53 -17.05 -12.90
N ILE A 296 19.48 -16.50 -13.50
CA ILE A 296 18.22 -16.31 -12.81
C ILE A 296 17.32 -17.49 -13.13
N ASP A 297 16.91 -18.18 -12.08
CA ASP A 297 15.96 -19.27 -12.18
C ASP A 297 14.79 -18.91 -13.07
N GLY A 298 14.65 -19.63 -14.18
CA GLY A 298 13.53 -19.44 -15.09
C GLY A 298 13.71 -18.42 -16.19
N ILE A 299 14.95 -17.99 -16.44
CA ILE A 299 15.25 -17.11 -17.57
C ILE A 299 16.40 -17.65 -18.42
N ASP A 300 16.14 -17.67 -19.72
CA ASP A 300 17.14 -17.97 -20.73
C ASP A 300 17.67 -16.63 -21.21
N ASP A 301 18.78 -16.19 -20.62
CA ASP A 301 19.34 -14.87 -20.90
C ASP A 301 19.50 -14.71 -22.41
N ALA A 302 19.81 -15.82 -23.09
CA ALA A 302 20.00 -15.83 -24.54
C ALA A 302 18.73 -15.56 -25.32
N LYS A 303 17.62 -16.15 -24.91
CA LYS A 303 16.32 -15.88 -25.55
C LYS A 303 15.86 -14.44 -25.29
N GLU A 304 16.27 -13.87 -24.16
CA GLU A 304 15.96 -12.46 -23.84
C GLU A 304 16.76 -11.49 -24.70
N MET A 305 17.98 -11.89 -25.07
CA MET A 305 18.80 -11.17 -26.02
C MET A 305 18.08 -11.15 -27.37
N VAL A 306 17.61 -12.33 -27.78
CA VAL A 306 16.94 -12.50 -29.07
C VAL A 306 15.78 -11.51 -29.12
N ASN A 307 15.07 -11.42 -28.00
CA ASN A 307 13.96 -10.49 -27.85
C ASN A 307 14.47 -9.04 -27.79
N THR A 308 15.60 -8.84 -27.11
CA THR A 308 16.23 -7.52 -26.98
C THR A 308 16.59 -6.94 -28.32
N ARG A 309 17.32 -7.76 -29.09
CA ARG A 309 17.77 -7.42 -30.43
C ARG A 309 16.58 -7.14 -31.33
N GLN A 310 15.57 -8.02 -31.26
CA GLN A 310 14.31 -7.86 -31.99
C GLN A 310 13.63 -6.50 -31.74
N ALA A 311 13.70 -6.01 -30.51
CA ALA A 311 13.06 -4.75 -30.13
C ALA A 311 13.84 -3.55 -30.66
N CYS A 312 15.15 -3.71 -30.71
CA CYS A 312 16.04 -2.74 -31.32
C CYS A 312 15.70 -2.63 -32.79
N THR A 313 15.47 -3.78 -33.40
CA THR A 313 15.12 -3.83 -34.80
C THR A 313 13.83 -3.05 -35.01
N LEU A 314 12.84 -3.21 -34.13
CA LEU A 314 11.53 -2.55 -34.25
C LEU A 314 11.55 -1.03 -34.07
N LEU A 315 12.56 -0.52 -33.39
CA LEU A 315 12.64 0.90 -33.11
C LEU A 315 13.65 1.60 -34.01
N GLY A 316 14.25 0.84 -34.92
CA GLY A 316 15.09 1.41 -35.96
C GLY A 316 16.55 1.62 -35.62
N ILE A 317 17.06 0.92 -34.61
CA ILE A 317 18.50 0.83 -34.44
C ILE A 317 18.96 -0.19 -35.48
N SER A 318 19.54 0.34 -36.56
CA SER A 318 20.11 -0.44 -37.66
C SER A 318 21.06 -1.52 -37.18
N ASP A 319 20.88 -2.75 -37.67
CA ASP A 319 21.76 -3.86 -37.31
C ASP A 319 23.23 -3.46 -37.11
N SER A 320 23.72 -2.55 -37.96
CA SER A 320 25.09 -2.01 -37.83
C SER A 320 25.33 -1.43 -36.43
N TYR A 321 24.52 -0.44 -36.07
CA TYR A 321 24.53 0.16 -34.73
C TYR A 321 24.24 -0.81 -33.58
N GLN A 322 23.47 -1.87 -33.81
CA GLN A 322 23.24 -2.87 -32.76
C GLN A 322 24.57 -3.51 -32.36
N MET A 323 25.36 -3.91 -33.36
CA MET A 323 26.71 -4.42 -33.14
C MET A 323 27.60 -3.35 -32.50
N GLY A 324 27.29 -2.09 -32.79
CA GLY A 324 27.90 -0.97 -32.14
C GLY A 324 27.72 -0.98 -30.63
N ILE A 325 26.53 -1.37 -30.16
CA ILE A 325 26.27 -1.35 -28.72
C ILE A 325 26.97 -2.53 -28.08
N PHE A 326 26.66 -3.73 -28.56
CA PHE A 326 27.22 -4.93 -27.97
C PHE A 326 28.73 -4.87 -27.91
N ARG A 327 29.35 -4.23 -28.91
CA ARG A 327 30.81 -4.16 -28.98
C ARG A 327 31.36 -3.30 -27.85
N ILE A 328 30.75 -2.14 -27.64
CA ILE A 328 31.11 -1.29 -26.51
C ILE A 328 30.94 -2.04 -25.17
N LEU A 329 29.86 -2.80 -25.01
CA LEU A 329 29.60 -3.53 -23.78
C LEU A 329 30.57 -4.68 -23.56
N ALA A 330 31.05 -5.27 -24.65
CA ALA A 330 32.06 -6.32 -24.58
C ALA A 330 33.36 -5.74 -24.03
N GLY A 331 33.68 -4.53 -24.47
CA GLY A 331 34.90 -3.86 -24.09
C GLY A 331 34.87 -3.47 -22.63
N ILE A 332 33.77 -2.86 -22.19
CA ILE A 332 33.54 -2.59 -20.76
C ILE A 332 33.83 -3.86 -19.97
N LEU A 333 33.44 -4.99 -20.55
CA LEU A 333 33.59 -6.27 -19.89
C LEU A 333 35.03 -6.72 -19.88
N HIS A 334 35.75 -6.44 -20.93
CA HIS A 334 37.15 -6.84 -21.00
C HIS A 334 37.99 -5.85 -20.19
N LEU A 335 37.79 -4.57 -20.43
CA LEU A 335 38.29 -3.51 -19.56
C LEU A 335 38.33 -3.93 -18.11
N GLY A 336 37.27 -4.55 -17.63
CA GLY A 336 37.15 -4.94 -16.23
C GLY A 336 38.30 -5.80 -15.75
N ASN A 337 38.68 -6.79 -16.56
CA ASN A 337 39.74 -7.75 -16.23
C ASN A 337 41.20 -7.25 -16.34
N VAL A 338 41.38 -6.03 -16.84
CA VAL A 338 42.68 -5.39 -16.85
C VAL A 338 43.22 -5.36 -15.42
N GLU A 339 44.21 -6.21 -15.14
CA GLU A 339 44.88 -6.26 -13.84
C GLU A 339 46.06 -5.28 -13.80
N PHE A 340 46.33 -4.76 -12.62
CA PHE A 340 47.42 -3.83 -12.42
C PHE A 340 48.42 -4.41 -11.44
N ALA A 341 49.68 -4.10 -11.69
CA ALA A 341 50.78 -4.64 -10.91
C ALA A 341 51.60 -3.49 -10.36
N SER A 342 51.77 -3.46 -9.03
CA SER A 342 52.45 -2.34 -8.39
C SER A 342 53.97 -2.36 -8.59
N ARG A 343 54.53 -1.19 -8.87
CA ARG A 343 55.96 -1.00 -9.12
C ARG A 343 56.51 0.08 -8.17
N ASP A 344 57.78 0.44 -8.33
CA ASP A 344 58.50 1.39 -7.46
C ASP A 344 57.80 2.75 -7.32
N SER A 345 58.01 3.40 -6.16
CA SER A 345 57.52 4.76 -5.86
C SER A 345 55.99 4.88 -5.99
N ASP A 346 55.28 4.00 -5.29
CA ASP A 346 53.82 3.84 -5.42
C ASP A 346 53.29 4.18 -6.83
N SER A 347 53.53 3.24 -7.74
CA SER A 347 53.02 3.32 -9.09
C SER A 347 52.57 1.91 -9.52
N CYS A 348 52.31 1.73 -10.81
CA CYS A 348 51.86 0.44 -11.34
C CYS A 348 52.26 0.27 -12.81
N ALA A 349 51.75 -0.79 -13.43
CA ALA A 349 51.94 -1.06 -14.87
C ALA A 349 51.14 -2.31 -15.24
N ILE A 350 50.83 -2.47 -16.52
CA ILE A 350 50.04 -3.63 -16.97
C ILE A 350 51.02 -4.73 -17.40
N PRO A 351 50.85 -5.95 -16.87
CA PRO A 351 51.65 -7.10 -17.29
C PRO A 351 51.93 -7.14 -18.81
N PRO A 352 53.08 -7.71 -19.23
CA PRO A 352 53.47 -7.69 -20.66
C PRO A 352 52.52 -8.43 -21.61
N LYS A 353 52.08 -7.76 -22.66
CA LYS A 353 51.12 -8.33 -23.61
C LYS A 353 49.92 -8.95 -22.88
N HIS A 354 49.06 -8.07 -22.35
CA HIS A 354 47.92 -8.47 -21.49
C HIS A 354 46.69 -8.89 -22.31
N ASP A 355 46.29 -10.14 -22.18
CA ASP A 355 45.17 -10.69 -22.95
C ASP A 355 43.92 -9.77 -22.88
N PRO A 356 43.40 -9.48 -21.68
CA PRO A 356 42.24 -8.58 -21.52
C PRO A 356 42.38 -7.23 -22.19
N LEU A 357 43.53 -6.57 -22.03
CA LEU A 357 43.71 -5.23 -22.57
C LEU A 357 43.81 -5.23 -24.09
N THR A 358 44.42 -6.27 -24.64
CA THR A 358 44.58 -6.42 -26.08
C THR A 358 43.21 -6.48 -26.73
N ILE A 359 42.32 -7.25 -26.11
CA ILE A 359 40.97 -7.44 -26.62
C ILE A 359 40.17 -6.14 -26.44
N PHE A 360 40.44 -5.40 -25.36
CA PHE A 360 39.75 -4.13 -25.12
C PHE A 360 40.12 -3.14 -26.20
N CYS A 361 41.41 -3.09 -26.52
CA CYS A 361 41.92 -2.12 -27.49
C CYS A 361 41.55 -2.53 -28.92
N ASP A 362 41.48 -3.83 -29.17
CA ASP A 362 41.13 -4.33 -30.50
C ASP A 362 39.69 -3.95 -30.85
N LEU A 363 38.80 -4.18 -29.91
CA LEU A 363 37.38 -3.91 -30.10
C LEU A 363 37.12 -2.42 -30.32
N MET A 364 37.79 -1.59 -29.51
CA MET A 364 37.55 -0.14 -29.54
C MET A 364 38.30 0.55 -30.66
N GLY A 365 39.42 -0.05 -31.09
CA GLY A 365 40.21 0.45 -32.19
C GLY A 365 41.11 1.61 -31.79
N VAL A 366 41.88 1.37 -30.75
CA VAL A 366 42.76 2.39 -30.25
C VAL A 366 44.11 1.78 -30.00
N ASP A 367 45.13 2.64 -29.99
CA ASP A 367 46.49 2.15 -29.87
C ASP A 367 46.64 1.50 -28.50
N TYR A 368 47.04 0.23 -28.50
CA TYR A 368 47.29 -0.50 -27.26
C TYR A 368 48.14 0.33 -26.32
N GLU A 369 49.28 0.77 -26.81
CA GLU A 369 50.29 1.42 -25.96
C GLU A 369 49.86 2.78 -25.43
N GLU A 370 49.12 3.54 -26.23
CA GLU A 370 48.64 4.85 -25.80
C GLU A 370 47.72 4.69 -24.57
N MET A 371 46.91 3.63 -24.57
CA MET A 371 45.94 3.37 -23.52
C MET A 371 46.60 2.83 -22.24
N ALA A 372 47.41 1.80 -22.42
CA ALA A 372 48.22 1.21 -21.34
C ALA A 372 49.04 2.25 -20.60
N HIS A 373 49.49 3.27 -21.32
CA HIS A 373 50.22 4.36 -20.75
C HIS A 373 49.30 5.14 -19.81
N TRP A 374 48.14 5.52 -20.34
CA TRP A 374 47.23 6.41 -19.63
C TRP A 374 46.39 5.76 -18.53
N LEU A 375 46.39 4.43 -18.46
CA LEU A 375 45.71 3.72 -17.38
C LEU A 375 46.53 3.81 -16.12
N CYS A 376 47.83 4.00 -16.29
CA CYS A 376 48.77 4.06 -15.20
C CYS A 376 49.36 5.45 -14.97
N HIS A 377 49.07 6.39 -15.85
CA HIS A 377 49.64 7.73 -15.74
C HIS A 377 48.58 8.82 -15.74
N ARG A 378 48.98 10.03 -15.35
CA ARG A 378 48.09 11.16 -15.13
C ARG A 378 48.79 12.48 -15.48
N LYS A 379 48.01 13.46 -15.93
CA LYS A 379 48.54 14.74 -16.39
C LYS A 379 48.38 15.81 -15.29
N LEU A 380 49.42 15.99 -14.48
CA LEU A 380 49.41 17.01 -13.42
C LEU A 380 49.73 18.41 -13.98
N ALA A 381 48.69 19.16 -14.36
CA ALA A 381 48.84 20.50 -14.95
C ALA A 381 48.33 21.59 -14.00
N THR A 386 52.68 20.93 -16.68
CA THR A 386 52.37 19.85 -17.59
C THR A 386 53.40 18.74 -17.40
N TYR A 387 53.46 18.20 -16.19
CA TYR A 387 54.39 17.11 -15.87
C TYR A 387 53.62 15.80 -15.73
N ILE A 388 54.05 14.78 -16.47
CA ILE A 388 53.49 13.43 -16.32
C ILE A 388 53.84 12.88 -14.93
N LYS A 389 52.92 12.11 -14.35
CA LYS A 389 53.12 11.52 -13.03
C LYS A 389 52.45 10.15 -12.94
N PRO A 390 53.05 9.23 -12.19
CA PRO A 390 52.46 7.91 -12.03
C PRO A 390 51.36 8.00 -10.99
N ILE A 391 50.53 6.97 -10.95
CA ILE A 391 49.45 6.89 -9.98
C ILE A 391 49.61 5.58 -9.23
N SER A 392 49.15 5.55 -7.99
CA SER A 392 49.24 4.32 -7.20
C SER A 392 48.43 3.21 -7.85
N LYS A 393 48.47 2.02 -7.27
CA LYS A 393 47.68 0.90 -7.79
C LYS A 393 46.18 1.18 -7.61
N LEU A 394 45.79 1.50 -6.38
CA LEU A 394 44.37 1.79 -6.09
C LEU A 394 43.77 2.95 -6.91
N HIS A 395 44.56 3.94 -7.29
CA HIS A 395 44.04 5.08 -8.07
C HIS A 395 43.78 4.69 -9.53
N ALA A 396 44.59 3.75 -10.03
CA ALA A 396 44.40 3.21 -11.38
C ALA A 396 43.10 2.42 -11.48
N ILE A 397 42.79 1.67 -10.42
CA ILE A 397 41.59 0.86 -10.38
C ILE A 397 40.34 1.74 -10.28
N ASN A 398 40.39 2.78 -9.44
CA ASN A 398 39.27 3.70 -9.29
C ASN A 398 39.00 4.33 -10.63
N ALA A 399 40.07 4.65 -11.33
CA ALA A 399 39.97 5.33 -12.61
C ALA A 399 39.53 4.41 -13.75
N ARG A 400 39.84 3.12 -13.64
CA ARG A 400 39.36 2.16 -14.61
C ARG A 400 37.86 2.01 -14.49
N ASP A 401 37.39 1.93 -13.25
CA ASP A 401 35.98 1.82 -12.93
C ASP A 401 35.26 3.11 -13.28
N ALA A 402 35.93 4.24 -13.07
CA ALA A 402 35.34 5.50 -13.43
C ALA A 402 35.04 5.50 -14.91
N LEU A 403 35.94 4.96 -15.70
CA LEU A 403 35.77 4.94 -17.14
C LEU A 403 34.74 3.90 -17.60
N ALA A 404 34.75 2.71 -17.02
CA ALA A 404 33.71 1.73 -17.31
C ALA A 404 32.34 2.40 -17.09
N LYS A 405 32.22 3.12 -15.98
CA LYS A 405 30.96 3.74 -15.56
C LYS A 405 30.55 4.88 -16.51
N HIS A 406 31.53 5.68 -16.90
CA HIS A 406 31.34 6.82 -17.77
C HIS A 406 30.84 6.34 -19.10
N ILE A 407 31.48 5.32 -19.63
CA ILE A 407 31.12 4.84 -20.94
C ILE A 407 29.69 4.41 -20.87
N TYR A 408 29.37 3.47 -19.97
CA TYR A 408 27.99 2.95 -19.78
C TYR A 408 26.95 4.05 -19.69
N ALA A 409 27.19 5.04 -18.85
CA ALA A 409 26.26 6.15 -18.71
C ALA A 409 25.94 6.79 -20.06
N ASN A 410 26.97 6.96 -20.86
CA ASN A 410 26.78 7.55 -22.17
C ASN A 410 26.07 6.60 -23.16
N LEU A 411 26.55 5.37 -23.30
CA LEU A 411 25.88 4.37 -24.12
C LEU A 411 24.44 4.21 -23.71
N PHE A 412 24.17 4.38 -22.42
CA PHE A 412 22.80 4.32 -21.92
C PHE A 412 21.99 5.50 -22.41
N ASN A 413 22.58 6.70 -22.37
CA ASN A 413 21.95 7.92 -22.90
C ASN A 413 21.81 7.86 -24.40
N TRP A 414 22.71 7.14 -25.07
CA TRP A 414 22.68 7.09 -26.52
C TRP A 414 21.46 6.32 -26.92
N ILE A 415 21.29 5.12 -26.33
CA ILE A 415 20.18 4.26 -26.65
C ILE A 415 18.87 4.99 -26.40
N VAL A 416 18.77 5.74 -25.32
CA VAL A 416 17.53 6.49 -25.05
C VAL A 416 17.25 7.56 -26.11
N ASP A 417 18.29 8.24 -26.60
CA ASP A 417 18.15 9.29 -27.63
C ASP A 417 17.63 8.71 -28.95
N HIS A 418 18.02 7.49 -29.26
CA HIS A 418 17.66 6.85 -30.50
C HIS A 418 16.41 6.00 -30.40
N VAL A 419 16.07 5.55 -29.20
CA VAL A 419 14.74 5.01 -28.96
C VAL A 419 13.75 6.15 -29.17
N ASN A 420 14.14 7.34 -28.71
CA ASN A 420 13.30 8.54 -28.78
C ASN A 420 12.97 8.91 -30.22
N LYS A 421 13.97 8.79 -31.09
CA LYS A 421 13.80 9.08 -32.51
C LYS A 421 12.66 8.28 -33.14
N ALA A 422 12.48 7.03 -32.70
CA ALA A 422 11.37 6.18 -33.12
C ALA A 422 10.03 6.57 -32.48
N LEU A 423 10.08 7.29 -31.37
CA LEU A 423 8.88 7.69 -30.65
C LEU A 423 8.61 9.17 -30.82
N HIS A 424 9.33 9.82 -31.73
CA HIS A 424 9.12 11.26 -31.95
C HIS A 424 8.10 11.56 -33.06
N SER A 425 7.41 12.68 -32.88
CA SER A 425 6.35 13.11 -33.79
C SER A 425 6.81 14.35 -34.58
N THR A 426 6.60 14.31 -35.89
CA THR A 426 6.78 15.48 -36.76
C THR A 426 5.86 16.63 -36.32
N VAL A 427 4.60 16.28 -36.06
CA VAL A 427 3.59 17.24 -35.62
C VAL A 427 4.07 17.93 -34.35
N LYS A 428 3.91 19.25 -34.31
CA LYS A 428 4.23 20.03 -33.11
C LYS A 428 3.36 19.58 -31.95
N GLN A 429 3.84 19.80 -30.73
CA GLN A 429 3.17 19.36 -29.50
C GLN A 429 2.67 20.53 -28.65
N HIS A 430 1.36 20.54 -28.37
CA HIS A 430 0.76 21.50 -27.43
C HIS A 430 1.12 21.16 -25.98
N SER A 431 0.62 20.01 -25.51
CA SER A 431 0.78 19.56 -24.12
C SER A 431 1.18 18.08 -24.02
N PHE A 432 1.56 17.65 -22.81
CA PHE A 432 1.86 16.23 -22.52
C PHE A 432 1.33 15.73 -21.18
N ILE A 433 1.15 14.41 -21.11
CA ILE A 433 1.02 13.71 -19.82
C ILE A 433 2.13 12.70 -19.70
N GLY A 434 2.97 12.91 -18.70
CA GLY A 434 4.08 12.02 -18.46
C GLY A 434 3.80 11.08 -17.32
N VAL A 435 4.06 9.80 -17.59
CA VAL A 435 3.99 8.77 -16.58
C VAL A 435 5.40 8.48 -16.03
N LEU A 436 5.64 8.82 -14.76
CA LEU A 436 6.87 8.38 -14.06
C LEU A 436 6.78 6.94 -13.53
N ASP A 437 7.68 6.09 -13.99
CA ASP A 437 7.89 4.77 -13.39
C ASP A 437 9.15 4.77 -12.50
N ILE A 438 8.94 4.94 -11.19
CA ILE A 438 10.02 5.04 -10.21
C ILE A 438 9.91 4.00 -9.06
N TYR A 439 10.99 3.80 -8.29
CA TYR A 439 10.95 2.99 -7.05
C TYR A 439 10.38 3.69 -5.82
N GLY A 440 10.31 2.96 -4.72
CA GLY A 440 9.91 3.51 -3.43
C GLY A 440 10.95 3.18 -2.37
N PHE A 441 10.64 3.44 -1.11
CA PHE A 441 11.62 3.15 -0.07
C PHE A 441 12.11 1.68 -0.14
N GLU A 442 13.39 1.51 -0.45
CA GLU A 442 14.09 0.23 -0.35
C GLU A 442 14.53 0.12 1.09
N THR A 443 14.52 -1.11 1.64
CA THR A 443 15.10 -1.38 2.97
C THR A 443 15.36 -2.84 3.22
N PHE A 444 16.55 -3.26 2.92
CA PHE A 444 17.01 -4.60 3.25
C PHE A 444 17.44 -4.70 4.72
N GLU A 445 18.23 -5.72 5.05
CA GLU A 445 18.83 -5.86 6.37
C GLU A 445 20.13 -5.07 6.41
N ILE A 446 21.00 -5.34 5.44
CA ILE A 446 22.15 -4.51 5.19
C ILE A 446 21.76 -3.44 4.18
N ASN A 447 21.83 -2.18 4.60
CA ASN A 447 21.61 -1.05 3.72
C ASN A 447 22.93 -0.34 3.40
N SER A 448 23.14 -0.04 2.13
CA SER A 448 24.32 0.69 1.67
C SER A 448 23.94 1.99 0.87
N PHE A 449 24.86 2.47 0.04
CA PHE A 449 24.75 3.74 -0.69
C PHE A 449 23.59 3.73 -1.67
N GLU A 450 23.47 2.60 -2.34
CA GLU A 450 22.40 2.34 -3.28
C GLU A 450 21.04 2.57 -2.62
N GLN A 451 20.84 2.07 -1.42
CA GLN A 451 19.56 2.26 -0.75
C GLN A 451 19.43 3.73 -0.30
N PHE A 452 20.50 4.28 0.25
CA PHE A 452 20.55 5.64 0.73
C PHE A 452 20.10 6.57 -0.36
N CYS A 453 20.65 6.42 -1.55
CA CYS A 453 20.19 7.16 -2.73
C CYS A 453 18.70 7.00 -3.01
N ILE A 454 18.22 5.78 -2.97
CA ILE A 454 16.84 5.56 -3.33
C ILE A 454 15.91 6.29 -2.38
N ASN A 455 16.16 6.19 -1.10
CA ASN A 455 15.26 6.76 -0.09
C ASN A 455 15.40 8.26 0.04
N TYR A 456 16.51 8.75 -0.48
CA TYR A 456 16.75 10.18 -0.64
C TYR A 456 15.79 10.68 -1.70
N ALA A 457 15.83 10.10 -2.90
CA ALA A 457 14.85 10.41 -3.94
C ALA A 457 13.45 10.33 -3.40
N ASN A 458 13.13 9.31 -2.64
CA ASN A 458 11.78 9.15 -2.18
C ASN A 458 11.42 10.22 -1.20
N GLU A 459 12.39 10.82 -0.52
CA GLU A 459 12.06 11.92 0.37
C GLU A 459 11.79 13.21 -0.41
N LYS A 460 12.40 13.36 -1.57
CA LYS A 460 12.10 14.47 -2.42
C LYS A 460 10.68 14.36 -2.93
N LEU A 461 10.28 13.16 -3.33
CA LEU A 461 8.98 12.92 -3.98
C LEU A 461 7.83 12.98 -2.99
N GLN A 462 8.06 12.51 -1.79
CA GLN A 462 7.02 12.50 -0.77
C GLN A 462 6.89 13.90 -0.15
N GLN A 463 7.67 14.85 -0.66
CA GLN A 463 7.62 16.24 -0.20
C GLN A 463 6.73 17.03 -1.13
N GLN A 464 6.95 16.87 -2.43
CA GLN A 464 5.98 17.34 -3.42
C GLN A 464 4.58 16.86 -3.06
N PHE A 465 4.43 15.56 -2.84
CA PHE A 465 3.14 14.95 -2.55
C PHE A 465 2.52 15.56 -1.30
N ASN A 466 3.29 15.66 -0.24
CA ASN A 466 2.82 16.32 0.97
C ASN A 466 2.30 17.71 0.68
N MET A 467 2.98 18.44 -0.18
CA MET A 467 2.59 19.79 -0.49
C MET A 467 1.29 19.77 -1.27
N HIS A 468 1.32 19.15 -2.44
CA HIS A 468 0.13 18.93 -3.24
C HIS A 468 -1.09 18.65 -2.38
N VAL A 469 -1.00 17.68 -1.48
CA VAL A 469 -2.15 17.33 -0.66
C VAL A 469 -2.57 18.49 0.22
N PHE A 470 -1.60 19.18 0.80
CA PHE A 470 -1.86 20.34 1.63
C PHE A 470 -2.60 21.50 0.88
N LYS A 471 -2.21 21.76 -0.37
CA LYS A 471 -2.89 22.77 -1.19
C LYS A 471 -4.33 22.34 -1.49
N LEU A 472 -4.55 21.06 -1.82
CA LEU A 472 -5.89 20.56 -2.11
C LEU A 472 -6.77 20.55 -0.89
N GLU A 473 -6.17 20.48 0.29
CA GLU A 473 -6.95 20.45 1.50
C GLU A 473 -7.44 21.83 1.76
N GLN A 474 -6.53 22.80 1.65
CA GLN A 474 -6.87 24.22 1.73
C GLN A 474 -8.06 24.55 0.85
N GLU A 475 -7.91 24.33 -0.45
CA GLU A 475 -8.96 24.58 -1.45
C GLU A 475 -10.29 24.00 -1.02
N GLU A 476 -10.31 22.73 -0.66
CA GLU A 476 -11.52 22.07 -0.22
C GLU A 476 -12.06 22.70 1.07
N TYR A 477 -11.15 23.04 1.99
CA TYR A 477 -11.54 23.67 3.24
C TYR A 477 -12.18 25.05 2.99
N MET A 478 -11.73 25.74 1.96
CA MET A 478 -12.29 27.05 1.59
C MET A 478 -13.65 26.89 0.94
N LYS A 479 -13.77 25.96 -0.01
CA LYS A 479 -15.04 25.73 -0.69
C LYS A 479 -16.20 25.53 0.29
N GLU A 480 -15.89 25.14 1.52
CA GLU A 480 -16.90 24.88 2.54
C GLU A 480 -16.89 25.89 3.70
N GLN A 481 -16.06 26.92 3.60
CA GLN A 481 -15.93 27.96 4.63
C GLN A 481 -15.60 27.40 6.03
N ILE A 482 -14.45 26.74 6.15
CA ILE A 482 -14.01 26.19 7.43
C ILE A 482 -12.64 26.79 7.73
N PRO A 483 -12.39 27.22 8.96
CA PRO A 483 -11.09 27.85 9.29
C PRO A 483 -9.90 27.10 8.69
N TRP A 484 -9.22 27.74 7.72
CA TRP A 484 -8.13 27.10 6.96
C TRP A 484 -6.85 26.88 7.75
N THR A 485 -6.83 27.33 9.01
CA THR A 485 -5.66 27.18 9.88
C THR A 485 -5.80 25.97 10.84
N LEU A 486 -6.59 24.98 10.42
CA LEU A 486 -6.76 23.76 11.19
C LEU A 486 -6.11 22.56 10.46
N ILE A 487 -5.09 22.85 9.65
CA ILE A 487 -4.42 21.84 8.85
C ILE A 487 -2.93 21.93 9.15
N ASP A 488 -2.48 21.03 10.02
CA ASP A 488 -1.05 20.94 10.34
C ASP A 488 -0.27 20.25 9.21
N PHE A 489 0.75 20.94 8.71
CA PHE A 489 1.60 20.46 7.62
C PHE A 489 2.77 19.74 8.25
N TYR A 490 3.00 18.50 7.83
CA TYR A 490 4.18 17.77 8.29
C TYR A 490 5.34 17.96 7.31
N ASP A 491 6.37 18.66 7.80
CA ASP A 491 7.46 19.17 6.96
C ASP A 491 8.70 18.28 6.99
N ASN A 492 9.01 17.65 5.86
CA ASN A 492 10.13 16.71 5.79
C ASN A 492 11.37 17.36 5.17
N GLN A 493 11.47 18.68 5.27
CA GLN A 493 12.66 19.40 4.83
C GLN A 493 13.90 19.16 5.73
N PRO A 494 13.75 19.07 7.04
CA PRO A 494 14.91 18.78 7.87
C PRO A 494 15.65 17.52 7.42
N CYS A 495 14.92 16.45 7.11
CA CYS A 495 15.54 15.21 6.65
C CYS A 495 16.21 15.36 5.27
N ILE A 496 15.48 15.86 4.29
CA ILE A 496 16.10 16.23 3.02
C ILE A 496 17.45 16.93 3.27
N ASN A 497 17.45 17.82 4.26
CA ASN A 497 18.59 18.71 4.51
C ASN A 497 19.75 17.99 5.14
N LEU A 498 19.46 17.23 6.18
CA LEU A 498 20.42 16.26 6.68
C LEU A 498 21.14 15.51 5.54
N ILE A 499 20.41 15.09 4.52
CA ILE A 499 20.99 14.35 3.43
C ILE A 499 21.72 15.26 2.44
N GLU A 500 21.12 16.39 2.03
CA GLU A 500 21.63 17.13 0.85
C GLU A 500 22.16 18.54 1.07
N ALA A 501 21.92 19.14 2.23
CA ALA A 501 22.56 20.42 2.57
C ALA A 501 24.07 20.30 2.67
N LYS A 502 24.77 21.41 2.76
CA LYS A 502 26.19 21.42 3.14
C LYS A 502 26.35 20.83 4.58
N MET A 503 27.54 20.35 4.95
CA MET A 503 27.77 19.62 6.21
C MET A 503 26.83 18.41 6.44
N GLY A 504 26.09 18.01 5.39
CA GLY A 504 25.18 16.89 5.45
C GLY A 504 25.87 15.61 5.03
N VAL A 505 25.10 14.53 4.93
CA VAL A 505 25.67 13.21 4.81
C VAL A 505 26.35 13.02 3.47
N LEU A 506 25.73 13.48 2.40
CA LEU A 506 26.36 13.40 1.08
C LEU A 506 27.52 14.36 0.91
N ASP A 507 27.50 15.51 1.58
CA ASP A 507 28.58 16.50 1.48
C ASP A 507 29.84 16.06 2.21
N LEU A 508 29.70 15.66 3.48
CA LEU A 508 30.81 15.01 4.23
C LEU A 508 31.39 13.82 3.51
N LEU A 509 30.54 13.03 2.87
CA LEU A 509 31.01 11.92 2.08
C LEU A 509 31.82 12.38 0.89
N ASP A 510 31.40 13.48 0.27
CA ASP A 510 32.13 14.03 -0.86
C ASP A 510 33.46 14.69 -0.44
N GLU A 511 33.54 15.17 0.81
CA GLU A 511 34.80 15.66 1.39
C GLU A 511 35.75 14.52 1.65
N GLU A 512 35.34 13.59 2.51
CA GLU A 512 36.18 12.45 2.85
C GLU A 512 36.75 11.75 1.62
N CYS A 513 36.08 11.91 0.48
CA CYS A 513 36.50 11.26 -0.76
C CYS A 513 37.79 11.86 -1.33
N LYS A 514 37.84 13.19 -1.40
CA LYS A 514 39.02 13.89 -1.88
C LYS A 514 40.14 14.04 -0.84
N MET A 515 39.97 13.43 0.34
CA MET A 515 41.08 13.23 1.27
C MET A 515 41.85 12.02 0.77
N PRO A 516 43.17 12.12 0.67
CA PRO A 516 43.97 10.99 0.20
C PRO A 516 43.90 9.82 1.18
N LYS A 517 43.94 10.12 2.48
CA LYS A 517 43.98 9.08 3.51
C LYS A 517 42.59 8.60 3.93
N GLY A 518 41.55 9.30 3.48
CA GLY A 518 40.19 9.06 3.97
C GLY A 518 39.68 7.64 3.89
N SER A 519 38.76 7.30 4.80
CA SER A 519 38.14 5.97 4.86
C SER A 519 36.71 6.02 5.36
N ASP A 520 35.99 4.91 5.19
CA ASP A 520 34.63 4.79 5.69
C ASP A 520 34.56 5.04 7.19
N ASP A 521 35.55 4.58 7.93
CA ASP A 521 35.56 4.75 9.39
C ASP A 521 35.70 6.22 9.82
N THR A 522 36.55 7.00 9.16
CA THR A 522 36.64 8.42 9.48
C THR A 522 35.40 9.19 9.03
N TRP A 523 34.83 8.81 7.90
CA TRP A 523 33.59 9.42 7.45
C TRP A 523 32.46 9.12 8.44
N ALA A 524 32.46 7.94 9.02
CA ALA A 524 31.48 7.60 10.03
C ALA A 524 31.65 8.49 11.25
N GLN A 525 32.89 8.75 11.66
CA GLN A 525 33.10 9.57 12.85
C GLN A 525 32.76 11.04 12.58
N LYS A 526 33.21 11.58 11.46
CA LYS A 526 32.75 12.89 10.96
C LYS A 526 31.22 13.09 10.95
N LEU A 527 30.47 12.02 10.66
CA LEU A 527 29.02 12.08 10.73
C LEU A 527 28.58 12.18 12.18
N TYR A 528 29.21 11.43 13.06
CA TYR A 528 28.86 11.51 14.48
C TYR A 528 29.21 12.87 15.06
N ASN A 529 30.46 13.30 14.90
CA ASN A 529 30.88 14.62 15.37
C ASN A 529 29.89 15.72 14.92
N THR A 530 29.67 15.78 13.62
CA THR A 530 28.83 16.81 13.02
C THR A 530 27.36 16.71 13.43
N HIS A 531 26.80 15.51 13.59
CA HIS A 531 25.32 15.34 13.65
C HIS A 531 24.75 14.65 14.89
N LEU A 532 25.38 13.55 15.32
CA LEU A 532 24.87 12.82 16.48
C LEU A 532 24.48 13.79 17.59
N ASN A 533 23.23 13.71 18.05
CA ASN A 533 22.68 14.60 19.09
C ASN A 533 22.28 16.03 18.64
N LYS A 534 23.10 16.68 17.82
CA LYS A 534 22.74 17.95 17.19
C LYS A 534 21.48 17.88 16.33
N CYS A 535 21.01 16.68 16.01
CA CYS A 535 19.89 16.47 15.09
C CYS A 535 19.16 15.15 15.40
N ALA A 536 17.83 15.20 15.45
CA ALA A 536 17.01 14.09 15.99
C ALA A 536 16.65 13.08 14.92
N LEU A 537 16.88 13.46 13.68
CA LEU A 537 16.70 12.56 12.54
C LEU A 537 17.91 11.66 12.30
N PHE A 538 18.94 11.81 13.13
CA PHE A 538 20.15 11.02 13.01
C PHE A 538 20.47 10.32 14.30
N GLU A 539 20.81 9.03 14.23
CA GLU A 539 21.14 8.23 15.42
C GLU A 539 22.32 7.35 15.13
N LYS A 540 22.70 6.56 16.13
CA LYS A 540 23.86 5.70 16.01
C LYS A 540 23.58 4.41 16.72
N PRO A 541 23.73 3.28 16.03
CA PRO A 541 23.72 1.98 16.68
C PRO A 541 24.58 1.96 17.93
N ARG A 542 24.07 1.38 19.02
CA ARG A 542 24.77 1.38 20.31
C ARG A 542 26.07 0.56 20.28
N LEU A 543 26.08 -0.52 19.50
CA LEU A 543 27.25 -1.42 19.44
C LEU A 543 27.99 -1.38 18.11
N SER A 544 27.82 -0.31 17.35
CA SER A 544 28.62 -0.11 16.14
C SER A 544 29.15 1.32 16.05
N ASN A 545 30.32 1.45 15.45
CA ASN A 545 30.85 2.74 15.07
C ASN A 545 31.06 2.80 13.57
N LYS A 546 30.40 1.89 12.86
CA LYS A 546 30.51 1.75 11.40
C LYS A 546 29.13 1.79 10.70
N ALA A 547 28.14 2.39 11.37
CA ALA A 547 26.77 2.40 10.86
C ALA A 547 25.94 3.55 11.43
N PHE A 548 25.11 4.18 10.60
CA PHE A 548 24.24 5.23 11.11
C PHE A 548 22.79 4.91 10.90
N ILE A 549 21.92 5.73 11.46
CA ILE A 549 20.49 5.64 11.31
C ILE A 549 19.90 6.99 10.92
N ILE A 550 19.10 7.02 9.87
CA ILE A 550 18.27 8.17 9.55
C ILE A 550 16.81 7.78 9.78
N LYS A 551 16.03 8.64 10.45
CA LYS A 551 14.58 8.50 10.55
C LYS A 551 13.95 9.18 9.35
N HIS A 552 13.70 8.40 8.29
CA HIS A 552 12.99 8.86 7.09
C HIS A 552 11.47 8.99 7.33
N PHE A 553 10.74 9.36 6.27
CA PHE A 553 9.29 9.62 6.31
C PHE A 553 8.50 8.46 6.92
N ALA A 554 8.63 7.29 6.31
CA ALA A 554 7.89 6.09 6.70
C ALA A 554 8.46 5.44 7.96
N ASP A 555 9.78 5.17 7.96
CA ASP A 555 10.44 4.50 9.09
C ASP A 555 11.94 4.85 9.26
N LYS A 556 12.62 4.17 10.18
CA LYS A 556 14.07 4.28 10.39
C LYS A 556 14.86 3.24 9.60
N VAL A 557 16.06 3.63 9.17
CA VAL A 557 16.87 2.82 8.28
C VAL A 557 18.36 2.86 8.68
N GLU A 558 18.88 1.73 9.12
CA GLU A 558 20.28 1.64 9.50
C GLU A 558 21.12 1.33 8.28
N TYR A 559 21.92 2.30 7.87
CA TYR A 559 22.86 2.13 6.78
C TYR A 559 24.16 1.61 7.34
N GLN A 560 24.94 0.93 6.52
CA GLN A 560 26.24 0.46 6.92
C GLN A 560 27.29 1.18 6.12
N CYS A 561 28.14 1.94 6.80
CA CYS A 561 29.18 2.72 6.17
C CYS A 561 30.15 1.98 5.29
N GLU A 562 30.28 0.65 5.45
CA GLU A 562 31.25 -0.11 4.63
C GLU A 562 30.86 -0.01 3.17
N GLY A 563 31.79 0.46 2.35
CA GLY A 563 31.53 0.51 0.92
C GLY A 563 31.18 1.86 0.37
N PHE A 564 30.54 2.72 1.19
CA PHE A 564 30.17 4.07 0.79
C PHE A 564 31.25 4.86 -0.01
N LEU A 565 32.45 5.07 0.54
CA LEU A 565 33.47 5.84 -0.18
C LEU A 565 33.81 5.30 -1.57
N GLU A 566 34.11 4.01 -1.71
CA GLU A 566 34.52 3.51 -3.04
C GLU A 566 33.39 3.60 -4.07
N LYS A 567 32.17 3.33 -3.63
CA LYS A 567 31.02 3.38 -4.52
C LYS A 567 30.80 4.80 -5.02
N ASN A 568 31.07 5.76 -4.13
CA ASN A 568 30.83 7.17 -4.40
C ASN A 568 31.86 7.86 -5.28
N LYS A 569 33.04 7.27 -5.43
CA LYS A 569 34.09 7.86 -6.26
C LYS A 569 33.77 7.62 -7.72
N ASP A 570 33.99 8.65 -8.55
CA ASP A 570 33.63 8.59 -9.97
C ASP A 570 34.40 9.67 -10.74
N THR A 571 35.72 9.61 -10.68
CA THR A 571 36.55 10.61 -11.29
C THR A 571 37.23 9.97 -12.50
N VAL A 572 36.93 10.50 -13.66
CA VAL A 572 37.43 9.95 -14.89
C VAL A 572 38.61 10.79 -15.38
N TYR A 573 39.69 10.11 -15.73
CA TYR A 573 40.88 10.78 -16.22
C TYR A 573 40.70 11.23 -17.65
N GLU A 574 40.71 12.55 -17.83
CA GLU A 574 40.54 13.19 -19.13
C GLU A 574 41.34 12.54 -20.25
N GLU A 575 42.55 12.11 -19.94
CA GLU A 575 43.41 11.47 -20.95
C GLU A 575 42.80 10.20 -21.52
N GLN A 576 42.26 9.36 -20.65
CA GLN A 576 41.65 8.09 -21.05
C GLN A 576 40.44 8.26 -21.97
N ILE A 577 39.70 9.34 -21.79
CA ILE A 577 38.57 9.64 -22.67
C ILE A 577 39.03 10.07 -24.07
N LYS A 578 40.09 10.90 -24.12
CA LYS A 578 40.61 11.38 -25.38
C LYS A 578 41.10 10.21 -26.25
N VAL A 579 41.71 9.21 -25.62
CA VAL A 579 42.17 8.03 -26.34
C VAL A 579 41.01 7.35 -27.08
N LEU A 580 39.82 7.34 -26.45
CA LEU A 580 38.63 6.74 -27.04
C LEU A 580 37.92 7.64 -28.04
N LYS A 581 37.94 8.96 -27.77
CA LYS A 581 37.32 9.95 -28.66
C LYS A 581 38.00 9.99 -30.03
N SER A 582 39.24 9.51 -30.07
CA SER A 582 40.08 9.60 -31.24
C SER A 582 40.14 8.26 -31.97
N SER A 583 38.98 7.67 -32.26
CA SER A 583 38.93 6.34 -32.84
C SER A 583 38.57 6.39 -34.33
N LYS A 584 39.10 5.41 -35.06
CA LYS A 584 38.91 5.31 -36.50
C LYS A 584 38.65 3.86 -36.92
N LYS A 585 37.69 3.23 -36.25
CA LYS A 585 37.19 1.91 -36.65
C LYS A 585 35.80 1.66 -36.09
N PHE A 586 35.20 2.73 -35.57
CA PHE A 586 34.00 2.66 -34.72
C PHE A 586 33.30 4.03 -34.79
N LYS A 587 32.20 4.10 -35.52
CA LYS A 587 31.47 5.36 -35.71
C LYS A 587 30.76 5.81 -34.44
N LEU A 588 30.33 4.84 -33.63
CA LEU A 588 29.52 5.09 -32.44
C LEU A 588 30.35 5.59 -31.24
N LEU A 589 31.50 4.96 -31.01
CA LEU A 589 32.32 5.21 -29.83
C LEU A 589 32.68 6.69 -29.58
N PRO A 590 33.01 7.46 -30.63
CA PRO A 590 33.12 8.92 -30.48
C PRO A 590 31.78 9.61 -30.27
N GLU A 591 30.71 9.10 -30.89
CA GLU A 591 29.38 9.72 -30.81
C GLU A 591 28.84 9.84 -29.38
N LEU A 592 29.35 9.00 -28.47
CA LEU A 592 28.93 8.99 -27.08
C LEU A 592 29.34 10.24 -26.33
N PHE A 593 30.54 10.73 -26.61
CA PHE A 593 31.12 11.82 -25.84
C PHE A 593 30.95 13.18 -26.53
N GLN A 594 30.39 14.15 -25.80
CA GLN A 594 30.21 15.52 -26.30
C GLN A 594 30.41 16.55 -25.19
N HIS A 632 35.24 20.50 -8.49
CA HIS A 632 36.45 19.68 -8.28
C HIS A 632 36.04 18.25 -7.94
N LYS A 633 36.37 17.32 -8.84
CA LYS A 633 36.11 15.87 -8.67
C LYS A 633 34.61 15.50 -8.73
N LYS A 634 34.20 14.95 -9.87
CA LYS A 634 32.82 14.49 -10.07
C LYS A 634 32.56 13.25 -9.19
N THR A 635 31.33 13.10 -8.68
CA THR A 635 30.99 11.96 -7.79
C THR A 635 29.56 11.44 -7.96
N VAL A 636 29.39 10.13 -7.80
CA VAL A 636 28.10 9.44 -7.96
C VAL A 636 27.00 10.09 -7.13
N GLY A 637 27.33 10.48 -5.90
CA GLY A 637 26.39 11.14 -5.02
C GLY A 637 25.95 12.51 -5.51
N HIS A 638 26.91 13.37 -5.86
CA HIS A 638 26.61 14.69 -6.43
C HIS A 638 25.86 14.56 -7.74
N GLN A 639 26.32 13.68 -8.60
CA GLN A 639 25.59 13.37 -9.81
C GLN A 639 24.16 12.99 -9.48
N PHE A 640 23.96 12.09 -8.53
CA PHE A 640 22.61 11.59 -8.21
C PHE A 640 21.75 12.77 -7.88
N ARG A 641 22.23 13.57 -6.93
CA ARG A 641 21.62 14.85 -6.54
C ARG A 641 21.22 15.71 -7.75
N ASN A 642 22.12 15.86 -8.71
CA ASN A 642 21.84 16.70 -9.85
C ASN A 642 20.59 16.18 -10.54
N SER A 643 20.66 14.95 -11.03
CA SER A 643 19.53 14.28 -11.67
C SER A 643 18.27 14.37 -10.84
N LEU A 644 18.42 14.26 -9.53
CA LEU A 644 17.26 14.34 -8.68
C LEU A 644 16.58 15.69 -8.83
N HIS A 645 17.32 16.77 -8.69
CA HIS A 645 16.77 18.12 -8.84
C HIS A 645 16.20 18.37 -10.25
N LEU A 646 16.91 17.93 -11.26
CA LEU A 646 16.40 17.98 -12.61
C LEU A 646 15.02 17.35 -12.69
N LEU A 647 14.84 16.20 -12.05
CA LEU A 647 13.55 15.50 -12.08
C LEU A 647 12.46 16.23 -11.33
N MET A 648 12.76 16.80 -10.18
CA MET A 648 11.74 17.47 -9.40
C MET A 648 11.30 18.75 -10.07
N GLU A 649 12.14 19.29 -10.95
CA GLU A 649 11.73 20.43 -11.76
C GLU A 649 10.66 19.96 -12.72
N THR A 650 11.07 19.25 -13.77
CA THR A 650 10.13 18.60 -14.64
C THR A 650 8.80 18.35 -13.97
N LEU A 651 8.82 17.67 -12.83
CA LEU A 651 7.58 17.25 -12.15
C LEU A 651 6.80 18.38 -11.50
N ASN A 652 7.49 19.43 -11.09
CA ASN A 652 6.82 20.61 -10.55
C ASN A 652 6.22 21.57 -11.59
N ALA A 653 6.57 21.36 -12.86
CA ALA A 653 5.93 22.06 -13.95
C ALA A 653 4.74 21.25 -14.44
N THR A 654 4.18 20.41 -13.56
CA THR A 654 2.95 19.62 -13.83
C THR A 654 2.09 19.49 -12.58
N THR A 655 0.83 19.10 -12.78
CA THR A 655 0.02 18.60 -11.68
C THR A 655 0.15 17.09 -11.68
N PRO A 656 0.60 16.55 -10.57
CA PRO A 656 0.88 15.13 -10.44
C PRO A 656 -0.31 14.32 -9.98
N HIS A 657 -0.38 13.10 -10.51
CA HIS A 657 -1.28 12.08 -10.02
C HIS A 657 -0.49 10.88 -9.40
N TYR A 658 -1.11 10.22 -8.43
CA TYR A 658 -0.44 9.17 -7.66
C TYR A 658 -1.11 7.78 -7.70
N VAL A 659 -0.37 6.80 -8.21
CA VAL A 659 -0.70 5.37 -8.10
C VAL A 659 0.37 4.64 -7.30
N ARG A 660 0.08 4.14 -6.11
CA ARG A 660 0.98 3.24 -5.35
C ARG A 660 0.70 1.76 -5.65
N CYS A 661 1.62 1.11 -6.35
CA CYS A 661 1.52 -0.32 -6.54
C CYS A 661 1.97 -1.15 -5.33
N ILE A 662 1.37 -2.33 -5.18
CA ILE A 662 1.65 -3.23 -4.06
C ILE A 662 1.66 -4.70 -4.55
N LYS A 663 2.73 -5.42 -4.24
CA LYS A 663 2.83 -6.87 -4.32
C LYS A 663 2.23 -7.47 -3.04
N PRO A 664 1.22 -8.32 -3.13
CA PRO A 664 0.59 -8.89 -1.93
C PRO A 664 1.24 -10.21 -1.41
N ASN A 665 1.95 -10.93 -2.27
CA ASN A 665 2.56 -12.16 -1.83
C ASN A 665 3.87 -12.40 -2.58
N ASP A 666 4.66 -13.38 -2.13
CA ASP A 666 6.03 -13.51 -2.63
C ASP A 666 6.26 -14.63 -3.61
N PHE A 667 5.20 -15.23 -4.12
CA PHE A 667 5.35 -16.38 -5.01
C PHE A 667 4.43 -16.27 -6.22
N LYS A 668 4.17 -15.06 -6.68
CA LYS A 668 3.36 -14.84 -7.85
C LYS A 668 1.98 -15.51 -7.79
N PHE A 669 1.44 -15.72 -6.60
CA PHE A 669 0.16 -16.43 -6.48
C PHE A 669 -1.01 -15.57 -6.91
N PRO A 670 -1.91 -16.14 -7.70
CA PRO A 670 -3.21 -15.51 -7.95
C PRO A 670 -4.03 -15.16 -6.67
N PHE A 671 -4.73 -14.02 -6.73
CA PHE A 671 -5.42 -13.41 -5.58
C PHE A 671 -5.11 -14.03 -4.22
N THR A 672 -3.88 -13.85 -3.78
CA THR A 672 -3.42 -14.35 -2.49
C THR A 672 -2.73 -13.21 -1.75
N PHE A 673 -3.21 -12.94 -0.54
CA PHE A 673 -2.83 -11.76 0.25
C PHE A 673 -2.10 -12.18 1.53
N ASP A 674 -0.78 -12.05 1.51
CA ASP A 674 0.06 -12.27 2.70
C ASP A 674 0.07 -11.02 3.59
N GLU A 675 -0.42 -11.10 4.82
CA GLU A 675 -0.51 -9.89 5.64
C GLU A 675 0.87 -9.33 6.00
N LYS A 676 1.90 -10.17 5.94
CA LYS A 676 3.23 -9.78 6.40
C LYS A 676 3.86 -8.99 5.31
N ARG A 677 3.71 -9.48 4.08
CA ARG A 677 4.25 -8.78 2.92
C ARG A 677 3.51 -7.43 2.74
N ALA A 678 2.19 -7.51 2.70
CA ALA A 678 1.34 -6.35 2.50
C ALA A 678 1.74 -5.19 3.39
N VAL A 679 1.83 -5.45 4.68
CA VAL A 679 2.09 -4.41 5.65
C VAL A 679 3.47 -3.85 5.43
N GLN A 680 4.43 -4.71 5.04
CA GLN A 680 5.78 -4.22 4.71
C GLN A 680 5.63 -3.22 3.57
N GLN A 681 4.97 -3.68 2.51
CA GLN A 681 4.77 -2.95 1.27
C GLN A 681 4.06 -1.63 1.46
N LEU A 682 3.16 -1.54 2.44
CA LEU A 682 2.48 -0.27 2.68
C LEU A 682 3.47 0.70 3.32
N ARG A 683 4.05 0.34 4.49
CA ARG A 683 5.02 1.21 5.19
C ARG A 683 6.02 1.83 4.21
N ALA A 684 6.78 1.00 3.52
CA ALA A 684 7.77 1.49 2.54
C ALA A 684 7.10 2.02 1.26
N CYS A 685 5.94 2.66 1.44
CA CYS A 685 5.17 3.22 0.35
C CYS A 685 4.49 4.49 0.79
N GLY A 686 4.92 5.05 1.91
CA GLY A 686 4.26 6.21 2.48
C GLY A 686 2.85 5.97 2.99
N VAL A 687 2.11 5.00 2.45
CA VAL A 687 0.67 4.91 2.67
C VAL A 687 0.34 5.08 4.13
N LEU A 688 0.76 4.13 4.95
CA LEU A 688 0.36 4.15 6.35
C LEU A 688 0.71 5.44 7.05
N GLU A 689 1.75 6.13 6.58
CA GLU A 689 2.17 7.41 7.15
C GLU A 689 1.29 8.56 6.69
N THR A 690 0.98 8.60 5.39
CA THR A 690 0.05 9.55 4.80
C THR A 690 -1.26 9.50 5.58
N ILE A 691 -1.78 8.30 5.73
CA ILE A 691 -2.97 8.02 6.54
C ILE A 691 -2.79 8.42 8.00
N ARG A 692 -1.59 8.25 8.53
CA ARG A 692 -1.31 8.64 9.91
C ARG A 692 -1.54 10.16 10.06
N ILE A 693 -1.14 10.90 9.03
CA ILE A 693 -1.33 12.34 8.97
C ILE A 693 -2.82 12.67 8.86
N SER A 694 -3.47 12.15 7.81
CA SER A 694 -4.89 12.35 7.58
C SER A 694 -5.75 12.23 8.83
N ALA A 695 -5.49 11.21 9.64
CA ALA A 695 -6.34 10.93 10.80
C ALA A 695 -6.17 11.95 11.92
N ALA A 696 -5.24 12.87 11.75
CA ALA A 696 -4.99 13.92 12.73
C ALA A 696 -6.05 15.05 12.67
N GLY A 697 -6.56 15.31 11.46
CA GLY A 697 -7.51 16.38 11.19
C GLY A 697 -8.96 15.92 11.19
N PHE A 698 -9.64 16.12 10.05
CA PHE A 698 -11.06 15.76 9.90
C PHE A 698 -11.24 14.93 8.62
N PRO A 699 -10.96 13.64 8.71
CA PRO A 699 -10.92 12.77 7.54
C PRO A 699 -12.30 12.27 7.10
N SER A 700 -13.26 12.23 8.02
CA SER A 700 -14.63 11.80 7.71
C SER A 700 -15.40 12.98 7.12
N ARG A 701 -16.21 12.77 6.09
CA ARG A 701 -16.90 13.89 5.45
C ARG A 701 -18.24 13.50 4.84
N TRP A 702 -19.31 13.67 5.59
CA TRP A 702 -20.66 13.41 5.09
C TRP A 702 -21.33 14.70 4.58
N THR A 703 -22.22 14.59 3.60
CA THR A 703 -23.13 15.71 3.25
C THR A 703 -24.29 15.68 4.22
N TYR A 704 -25.00 16.78 4.32
CA TYR A 704 -26.11 16.88 5.26
C TYR A 704 -27.21 15.89 4.87
N GLN A 705 -27.38 15.67 3.57
CA GLN A 705 -28.36 14.70 3.11
C GLN A 705 -27.97 13.30 3.60
N GLU A 706 -26.70 12.94 3.45
CA GLU A 706 -26.21 11.61 3.82
C GLU A 706 -26.32 11.37 5.32
N PHE A 707 -25.84 12.33 6.09
CA PHE A 707 -25.90 12.27 7.55
C PHE A 707 -27.34 12.03 7.96
N PHE A 708 -28.20 12.89 7.42
CA PHE A 708 -29.62 12.89 7.73
C PHE A 708 -30.29 11.54 7.51
N SER A 709 -30.07 10.95 6.34
CA SER A 709 -30.62 9.65 6.01
C SER A 709 -30.28 8.63 7.08
N ARG A 710 -29.00 8.33 7.25
CA ARG A 710 -28.55 7.22 8.10
C ARG A 710 -28.83 7.49 9.57
N TYR A 711 -29.08 8.75 9.92
CA TYR A 711 -29.27 9.13 11.31
C TYR A 711 -30.62 9.87 11.57
N ARG A 712 -31.63 9.69 10.69
CA ARG A 712 -33.01 10.16 10.93
C ARG A 712 -33.54 9.45 12.18
N VAL A 713 -33.13 8.17 12.32
CA VAL A 713 -33.63 7.28 13.38
C VAL A 713 -33.14 7.62 14.78
N LEU A 714 -32.06 8.38 14.90
CA LEU A 714 -31.54 8.79 16.21
C LEU A 714 -32.26 10.01 16.75
N MET A 715 -33.00 10.68 15.87
CA MET A 715 -33.61 11.95 16.18
C MET A 715 -35.00 11.78 16.82
N LYS A 716 -35.30 12.63 17.83
CA LYS A 716 -36.61 12.67 18.45
C LYS A 716 -37.56 13.34 17.44
N GLN A 717 -38.69 12.70 17.13
CA GLN A 717 -39.56 13.16 16.03
C GLN A 717 -39.78 14.67 15.98
N LYS A 718 -39.80 15.33 17.14
CA LYS A 718 -40.00 16.79 17.22
C LYS A 718 -38.78 17.60 16.75
N ASP A 719 -37.58 17.22 17.21
CA ASP A 719 -36.31 17.86 16.76
C ASP A 719 -36.22 18.09 15.25
N VAL A 720 -36.85 17.21 14.46
CA VAL A 720 -36.84 17.32 13.00
C VAL A 720 -37.43 18.68 12.59
N LEU A 721 -36.84 19.33 11.59
CA LEU A 721 -37.34 20.62 11.11
C LEU A 721 -37.56 20.65 9.60
N SER A 722 -38.10 21.77 9.13
CA SER A 722 -38.37 21.98 7.71
C SER A 722 -37.06 22.15 6.96
N ASP A 723 -36.04 22.62 7.69
CA ASP A 723 -34.68 22.82 7.17
C ASP A 723 -33.77 21.67 7.63
N ARG A 724 -33.54 20.69 6.75
CA ARG A 724 -32.81 19.46 7.10
C ARG A 724 -31.34 19.73 7.49
N LYS A 725 -30.68 20.63 6.77
CA LYS A 725 -29.35 21.10 7.17
C LYS A 725 -29.36 21.53 8.64
N GLN A 726 -30.26 22.46 8.98
CA GLN A 726 -30.33 22.97 10.34
C GLN A 726 -30.63 21.87 11.36
N THR A 727 -31.40 20.87 10.95
CA THR A 727 -31.78 19.78 11.84
C THR A 727 -30.54 19.00 12.32
N CYS A 728 -29.72 18.58 11.36
CA CYS A 728 -28.44 17.95 11.62
C CYS A 728 -27.61 18.74 12.65
N LYS A 729 -27.51 20.05 12.44
CA LYS A 729 -26.74 20.93 13.35
C LYS A 729 -27.22 20.81 14.81
N ASN A 730 -28.52 20.64 15.00
CA ASN A 730 -29.11 20.54 16.34
C ASN A 730 -28.89 19.16 16.99
N VAL A 731 -28.99 18.11 16.18
CA VAL A 731 -28.93 16.74 16.69
C VAL A 731 -27.51 16.34 17.06
N LEU A 732 -26.57 16.72 16.21
CA LEU A 732 -25.18 16.31 16.34
C LEU A 732 -24.46 17.01 17.49
N GLU A 733 -25.00 18.16 17.91
CA GLU A 733 -24.46 18.88 19.05
C GLU A 733 -24.91 18.24 20.36
N LYS A 734 -26.06 17.57 20.32
CA LYS A 734 -26.58 16.82 21.47
C LYS A 734 -25.98 15.40 21.61
N LEU A 735 -25.79 14.70 20.49
CA LEU A 735 -25.34 13.30 20.48
C LEU A 735 -23.86 13.19 20.75
N ILE A 736 -23.06 14.08 20.14
CA ILE A 736 -21.62 14.20 20.42
C ILE A 736 -21.35 15.58 21.01
N LEU A 737 -20.95 15.60 22.29
CA LEU A 737 -20.85 16.85 23.05
C LEU A 737 -19.70 17.75 22.61
N ASP A 738 -18.50 17.43 23.08
CA ASP A 738 -17.29 18.17 22.70
C ASP A 738 -17.41 18.69 21.26
N LYS A 739 -17.50 20.01 21.11
CA LYS A 739 -17.72 20.64 19.80
C LYS A 739 -16.42 20.83 18.99
N ASP A 740 -15.29 20.42 19.56
CA ASP A 740 -14.03 20.38 18.82
C ASP A 740 -13.91 19.08 17.99
N LYS A 741 -14.93 18.22 18.08
CA LYS A 741 -14.94 16.92 17.40
C LYS A 741 -15.55 16.96 15.98
N TYR A 742 -15.86 18.14 15.46
CA TYR A 742 -16.40 18.30 14.09
C TYR A 742 -16.54 19.76 13.70
N GLN A 743 -16.79 20.00 12.40
CA GLN A 743 -16.98 21.35 11.88
C GLN A 743 -18.08 21.34 10.83
N PHE A 744 -18.88 22.42 10.78
CA PHE A 744 -20.03 22.52 9.87
C PHE A 744 -19.71 23.39 8.67
N GLY A 745 -19.92 22.84 7.47
CA GLY A 745 -19.57 23.52 6.25
C GLY A 745 -20.79 23.74 5.37
N LYS A 746 -20.57 24.48 4.29
CA LYS A 746 -21.63 24.85 3.36
C LYS A 746 -22.53 23.66 2.98
N THR A 747 -21.93 22.55 2.58
CA THR A 747 -22.68 21.38 2.14
C THR A 747 -22.32 20.08 2.84
N LYS A 748 -21.35 20.11 3.76
CA LYS A 748 -20.82 18.90 4.38
C LYS A 748 -20.37 19.08 5.84
N ILE A 749 -20.56 18.04 6.66
CA ILE A 749 -19.98 17.97 8.00
C ILE A 749 -18.62 17.26 8.00
N PHE A 750 -17.60 17.91 8.57
CA PHE A 750 -16.25 17.36 8.70
C PHE A 750 -16.05 16.77 10.09
N PHE A 751 -15.81 15.47 10.17
CA PHE A 751 -15.64 14.75 11.45
C PHE A 751 -14.20 14.38 11.82
N ARG A 752 -13.91 14.39 13.12
CA ARG A 752 -12.65 13.87 13.61
C ARG A 752 -12.74 12.38 13.55
N ALA A 753 -11.57 11.72 13.58
CA ALA A 753 -11.49 10.25 13.58
C ALA A 753 -12.18 9.65 14.80
N GLY A 754 -12.76 8.47 14.61
CA GLY A 754 -13.46 7.76 15.66
C GLY A 754 -14.87 8.25 15.95
N GLN A 755 -15.30 9.32 15.28
CA GLN A 755 -16.55 10.00 15.62
C GLN A 755 -17.76 9.37 14.95
N VAL A 756 -17.66 9.15 13.63
CA VAL A 756 -18.69 8.43 12.89
C VAL A 756 -18.84 7.02 13.46
N ALA A 757 -17.74 6.46 13.94
CA ALA A 757 -17.75 5.14 14.57
C ALA A 757 -18.68 5.18 15.75
N TYR A 758 -18.54 6.23 16.54
CA TYR A 758 -19.35 6.48 17.74
C TYR A 758 -20.83 6.66 17.39
N LEU A 759 -21.14 7.39 16.32
CA LEU A 759 -22.50 7.51 15.84
C LEU A 759 -23.00 6.10 15.57
N GLU A 760 -22.25 5.35 14.77
CA GLU A 760 -22.64 3.99 14.41
C GLU A 760 -22.66 2.99 15.58
N LYS A 761 -22.07 3.33 16.77
CA LYS A 761 -22.19 2.48 17.97
C LYS A 761 -23.52 2.71 18.69
N ILE A 762 -23.95 3.98 18.76
CA ILE A 762 -25.15 4.33 19.50
C ILE A 762 -26.33 3.93 18.64
N ARG A 763 -26.21 4.15 17.34
CA ARG A 763 -27.21 3.68 16.40
C ARG A 763 -27.32 2.16 16.45
N ALA A 764 -26.20 1.48 16.68
CA ALA A 764 -26.19 0.02 16.81
C ALA A 764 -26.79 -0.43 18.13
N ASP A 765 -26.51 0.37 19.18
CA ASP A 765 -26.94 0.07 20.54
C ASP A 765 -28.46 0.12 20.64
N LYS A 766 -29.03 1.13 19.98
CA LYS A 766 -30.48 1.32 19.90
C LYS A 766 -31.12 0.11 19.24
N LEU A 767 -30.85 -0.08 17.96
CA LEU A 767 -31.47 -1.15 17.18
C LEU A 767 -31.26 -2.53 17.82
N ARG A 768 -30.15 -2.73 18.53
CA ARG A 768 -29.88 -4.00 19.20
C ARG A 768 -30.82 -4.18 20.37
N ALA A 769 -30.91 -3.16 21.22
CA ALA A 769 -31.82 -3.16 22.37
C ALA A 769 -33.30 -3.23 21.96
N ALA A 770 -33.65 -2.71 20.78
CA ALA A 770 -35.02 -2.81 20.26
C ALA A 770 -35.32 -4.24 19.79
N CYS A 771 -34.34 -4.92 19.20
CA CYS A 771 -34.52 -6.26 18.69
C CYS A 771 -34.63 -7.26 19.84
N ILE A 772 -33.66 -7.26 20.74
CA ILE A 772 -33.70 -8.13 21.91
C ILE A 772 -35.10 -8.08 22.54
N ARG A 773 -35.72 -6.89 22.56
CA ARG A 773 -37.08 -6.73 23.09
C ARG A 773 -38.10 -7.62 22.36
N ILE A 774 -38.25 -7.39 21.06
CA ILE A 774 -39.17 -8.17 20.25
C ILE A 774 -38.83 -9.66 20.28
N GLN A 775 -37.54 -9.98 20.34
CA GLN A 775 -37.09 -11.36 20.24
C GLN A 775 -37.53 -12.16 21.45
N LYS A 776 -37.13 -11.70 22.64
CA LYS A 776 -37.52 -12.38 23.88
C LYS A 776 -39.05 -12.59 23.96
N THR A 777 -39.82 -11.64 23.44
CA THR A 777 -41.28 -11.73 23.32
C THR A 777 -41.73 -12.91 22.43
N ILE A 778 -41.22 -12.97 21.20
CA ILE A 778 -41.58 -14.06 20.28
C ILE A 778 -41.12 -15.40 20.86
N ARG A 779 -39.98 -15.40 21.52
CA ARG A 779 -39.44 -16.60 22.14
C ARG A 779 -40.44 -17.14 23.17
N GLY A 780 -41.08 -16.23 23.89
CA GLY A 780 -42.13 -16.56 24.84
C GLY A 780 -43.46 -16.92 24.19
N TRP A 781 -43.90 -16.15 23.20
CA TRP A 781 -45.17 -16.41 22.57
C TRP A 781 -45.17 -17.83 22.06
N LEU A 782 -44.10 -18.19 21.35
CA LEU A 782 -43.97 -19.48 20.68
C LEU A 782 -43.69 -20.63 21.65
N MET A 783 -43.17 -20.35 22.83
CA MET A 783 -42.99 -21.39 23.85
C MET A 783 -44.33 -21.77 24.50
N ARG A 784 -45.22 -20.80 24.64
CA ARG A 784 -46.53 -21.04 25.26
C ARG A 784 -47.46 -21.70 24.26
N LYS A 785 -47.30 -21.38 22.98
CA LYS A 785 -48.03 -22.05 21.91
C LYS A 785 -47.58 -23.51 21.86
N LYS A 786 -46.30 -23.74 22.10
CA LYS A 786 -45.74 -25.10 22.11
C LYS A 786 -46.20 -25.87 23.37
N TYR A 787 -46.45 -25.13 24.43
CA TYR A 787 -46.95 -25.72 25.66
C TYR A 787 -48.41 -26.12 25.45
N MET A 788 -49.25 -25.13 25.12
CA MET A 788 -50.70 -25.33 24.92
C MET A 788 -51.01 -26.54 24.05
N ARG A 789 -50.15 -26.81 23.08
CA ARG A 789 -50.27 -28.02 22.27
C ARG A 789 -49.88 -29.28 23.05
N MET A 790 -48.69 -29.27 23.64
CA MET A 790 -48.21 -30.46 24.37
C MET A 790 -49.01 -30.73 25.65
N ARG A 791 -49.72 -29.71 26.13
CA ARG A 791 -50.56 -29.84 27.31
C ARG A 791 -51.74 -30.75 26.98
N ARG A 792 -52.28 -30.58 25.77
CA ARG A 792 -53.33 -31.45 25.25
C ARG A 792 -52.76 -32.63 24.43
N GLY A 793 -51.78 -33.32 25.00
CA GLY A 793 -51.24 -34.56 24.45
C GLY A 793 -51.06 -34.61 22.94
N ASP A 794 -50.31 -33.67 22.38
CA ASP A 794 -50.04 -33.65 20.94
C ASP A 794 -48.77 -34.43 20.59
N ALA A 795 -48.19 -35.12 21.57
CA ALA A 795 -46.95 -35.86 21.37
C ALA A 795 -47.08 -37.30 21.89
N GLU B 3 -43.72 -14.10 46.91
CA GLU B 3 -43.23 -15.17 46.00
C GLU B 3 -44.35 -16.16 45.60
N PHE B 4 -44.29 -17.43 46.05
CA PHE B 4 -45.18 -18.49 45.54
C PHE B 4 -45.82 -19.35 46.64
N ASN B 5 -47.07 -19.74 46.38
CA ASN B 5 -47.89 -20.56 47.29
C ASN B 5 -48.04 -21.98 46.74
N LYS B 6 -48.76 -22.84 47.47
CA LYS B 6 -48.87 -24.26 47.11
C LYS B 6 -49.59 -24.51 45.77
N ASP B 7 -50.72 -23.83 45.56
CA ASP B 7 -51.50 -23.97 44.31
C ASP B 7 -50.68 -23.63 43.07
N GLN B 8 -49.82 -22.62 43.21
CA GLN B 8 -48.89 -22.21 42.16
C GLN B 8 -47.77 -23.24 41.96
N LEU B 9 -47.28 -23.84 43.06
CA LEU B 9 -46.24 -24.88 43.00
C LEU B 9 -46.67 -26.14 42.24
N GLU B 10 -47.97 -26.43 42.23
CA GLU B 10 -48.51 -27.63 41.57
C GLU B 10 -48.73 -27.37 40.08
N GLU B 11 -49.22 -26.19 39.76
CA GLU B 11 -49.41 -25.73 38.39
C GLU B 11 -48.09 -25.65 37.63
N PHE B 12 -47.03 -25.34 38.36
CA PHE B 12 -45.69 -25.20 37.80
C PHE B 12 -45.02 -26.57 37.67
N LYS B 13 -45.19 -27.42 38.67
CA LYS B 13 -44.62 -28.77 38.66
C LYS B 13 -45.33 -29.68 37.63
N GLU B 14 -46.56 -29.33 37.27
CA GLU B 14 -47.32 -30.05 36.24
C GLU B 14 -46.69 -29.78 34.88
N ALA B 15 -46.51 -28.50 34.58
CA ALA B 15 -45.77 -28.04 33.39
C ALA B 15 -44.31 -28.56 33.34
N PHE B 16 -43.70 -28.73 34.50
CA PHE B 16 -42.30 -29.11 34.62
C PHE B 16 -42.04 -30.57 34.23
N GLU B 17 -43.01 -31.43 34.57
CA GLU B 17 -42.92 -32.87 34.28
C GLU B 17 -43.31 -33.21 32.83
N LEU B 18 -44.02 -32.31 32.17
CA LEU B 18 -44.27 -32.43 30.73
C LEU B 18 -42.98 -32.31 29.91
N PHE B 19 -42.01 -31.54 30.44
CA PHE B 19 -40.72 -31.32 29.78
C PHE B 19 -39.67 -32.39 30.12
N ASP B 20 -40.01 -33.32 31.02
CA ASP B 20 -39.12 -34.42 31.36
C ASP B 20 -39.24 -35.53 30.32
N ARG B 21 -38.26 -35.63 29.43
CA ARG B 21 -38.27 -36.61 28.33
C ARG B 21 -37.44 -37.85 28.63
N VAL B 22 -37.37 -38.25 29.91
CA VAL B 22 -36.56 -39.39 30.34
C VAL B 22 -37.26 -40.22 31.42
N GLY B 23 -37.88 -39.56 32.40
CA GLY B 23 -38.55 -40.21 33.52
C GLY B 23 -37.73 -40.24 34.79
N ASP B 24 -36.95 -39.19 35.02
CA ASP B 24 -36.11 -39.06 36.22
C ASP B 24 -36.57 -37.91 37.16
N GLY B 25 -37.54 -37.11 36.73
CA GLY B 25 -38.03 -35.99 37.52
C GLY B 25 -37.21 -34.73 37.33
N LYS B 26 -36.33 -34.75 36.34
CA LYS B 26 -35.42 -33.66 36.06
C LYS B 26 -35.46 -33.26 34.58
N ILE B 27 -34.87 -32.12 34.27
CA ILE B 27 -34.78 -31.62 32.89
C ILE B 27 -33.35 -31.21 32.58
N LEU B 28 -33.10 -30.91 31.31
CA LEU B 28 -31.77 -30.44 30.91
C LEU B 28 -31.64 -28.96 31.24
N TYR B 29 -30.43 -28.52 31.54
CA TYR B 29 -30.16 -27.11 31.84
C TYR B 29 -30.70 -26.20 30.72
N SER B 30 -30.63 -26.68 29.48
CA SER B 30 -31.11 -25.93 28.33
C SER B 30 -32.64 -25.71 28.37
N GLN B 31 -33.36 -26.75 28.79
CA GLN B 31 -34.82 -26.70 28.87
C GLN B 31 -35.36 -25.69 29.89
N CYS B 32 -34.56 -25.32 30.89
CA CYS B 32 -35.00 -24.35 31.89
C CYS B 32 -35.55 -23.08 31.28
N GLY B 33 -34.96 -22.65 30.16
CA GLY B 33 -35.44 -21.48 29.46
C GLY B 33 -36.85 -21.67 28.94
N ASP B 34 -37.08 -22.80 28.29
CA ASP B 34 -38.40 -23.17 27.76
C ASP B 34 -39.51 -23.03 28.79
N VAL B 35 -39.31 -23.71 29.92
CA VAL B 35 -40.30 -23.73 30.99
C VAL B 35 -40.68 -22.30 31.34
N MET B 36 -39.69 -21.51 31.73
CA MET B 36 -39.96 -20.16 32.23
C MET B 36 -40.88 -19.38 31.28
N ARG B 37 -40.65 -19.55 29.98
CA ARG B 37 -41.44 -18.88 28.96
C ARG B 37 -42.84 -19.46 28.89
N ALA B 38 -42.90 -20.79 28.98
CA ALA B 38 -44.17 -21.52 29.08
C ALA B 38 -45.07 -21.03 30.21
N LEU B 39 -44.45 -20.56 31.30
CA LEU B 39 -45.17 -20.13 32.51
C LEU B 39 -45.37 -18.60 32.56
N GLY B 40 -45.45 -17.97 31.39
CA GLY B 40 -45.75 -16.55 31.29
C GLY B 40 -44.59 -15.57 31.29
N GLN B 41 -43.37 -16.03 31.55
CA GLN B 41 -42.17 -15.16 31.56
C GLN B 41 -41.58 -14.93 30.17
N ASN B 42 -40.69 -13.95 30.08
CA ASN B 42 -40.02 -13.57 28.83
C ASN B 42 -38.54 -13.20 29.00
N PRO B 43 -37.72 -14.08 29.51
CA PRO B 43 -36.32 -13.76 29.79
C PRO B 43 -35.46 -13.74 28.50
N THR B 44 -34.47 -12.86 28.49
CA THR B 44 -33.49 -12.86 27.43
C THR B 44 -32.60 -14.04 27.75
N ASN B 45 -32.20 -14.78 26.73
CA ASN B 45 -31.25 -15.90 26.86
C ASN B 45 -30.08 -15.61 27.82
N ALA B 46 -29.72 -14.34 27.96
CA ALA B 46 -28.70 -13.91 28.92
C ALA B 46 -29.23 -14.01 30.35
N GLU B 47 -30.38 -13.39 30.60
CA GLU B 47 -31.11 -13.51 31.87
C GLU B 47 -31.26 -14.97 32.33
N VAL B 48 -31.46 -15.87 31.38
CA VAL B 48 -31.58 -17.29 31.68
C VAL B 48 -30.23 -17.83 32.14
N LEU B 49 -29.19 -17.54 31.36
CA LEU B 49 -27.85 -18.05 31.63
C LEU B 49 -27.33 -17.64 33.00
N LYS B 50 -27.54 -16.38 33.40
CA LYS B 50 -27.07 -15.91 34.71
C LYS B 50 -27.58 -16.85 35.78
N VAL B 51 -28.89 -17.11 35.76
CA VAL B 51 -29.53 -17.89 36.82
C VAL B 51 -29.05 -19.34 36.85
N LEU B 52 -28.67 -19.87 35.68
CA LEU B 52 -28.12 -21.23 35.58
C LEU B 52 -26.68 -21.34 36.14
N GLY B 53 -25.99 -20.21 36.18
CA GLY B 53 -24.61 -20.15 36.62
C GLY B 53 -23.65 -19.71 35.52
N ASN B 54 -24.20 -19.27 34.39
CA ASN B 54 -23.44 -19.03 33.16
C ASN B 54 -22.69 -20.32 32.77
N PRO B 55 -23.43 -21.41 32.64
CA PRO B 55 -22.82 -22.71 32.37
C PRO B 55 -22.06 -22.78 31.05
N LYS B 56 -20.91 -23.45 31.07
CA LYS B 56 -20.15 -23.74 29.85
C LYS B 56 -20.90 -24.78 29.00
N SER B 57 -20.66 -24.78 27.69
CA SER B 57 -21.39 -25.64 26.75
C SER B 57 -21.29 -27.15 27.06
N ASP B 58 -20.20 -27.55 27.71
CA ASP B 58 -20.00 -28.95 28.11
C ASP B 58 -21.05 -29.41 29.13
N GLU B 59 -21.56 -28.48 29.94
CA GLU B 59 -22.57 -28.82 30.94
C GLU B 59 -23.99 -28.31 30.60
N LEU B 60 -24.11 -27.45 29.58
CA LEU B 60 -25.43 -26.91 29.19
C LEU B 60 -26.28 -27.96 28.46
N LYS B 61 -25.65 -29.07 28.04
CA LYS B 61 -26.35 -30.13 27.30
C LYS B 61 -26.38 -31.45 28.07
N SER B 62 -26.04 -31.42 29.36
CA SER B 62 -25.86 -32.63 30.16
C SER B 62 -26.29 -32.57 31.63
N ARG B 63 -26.38 -31.38 32.21
CA ARG B 63 -26.69 -31.21 33.64
C ARG B 63 -28.20 -31.22 33.87
N ARG B 64 -28.68 -32.15 34.69
CA ARG B 64 -30.10 -32.28 34.99
C ARG B 64 -30.45 -31.64 36.33
N VAL B 65 -31.71 -31.23 36.49
CA VAL B 65 -32.11 -30.50 37.68
C VAL B 65 -33.56 -30.81 38.06
N ASP B 66 -33.75 -31.20 39.32
CA ASP B 66 -35.09 -31.37 39.90
C ASP B 66 -35.82 -30.02 40.04
N PHE B 67 -37.13 -30.09 40.28
CA PHE B 67 -37.98 -28.90 40.41
C PHE B 67 -37.58 -28.01 41.59
N GLU B 68 -36.98 -28.65 42.60
CA GLU B 68 -36.45 -27.98 43.79
C GLU B 68 -35.34 -26.99 43.41
N THR B 69 -34.46 -27.41 42.51
CA THR B 69 -33.34 -26.59 42.06
C THR B 69 -33.73 -25.65 40.92
N PHE B 70 -34.66 -26.08 40.09
CA PHE B 70 -35.19 -25.22 39.05
C PHE B 70 -35.93 -24.00 39.63
N LEU B 71 -36.55 -24.19 40.79
CA LEU B 71 -37.51 -23.20 41.32
C LEU B 71 -36.88 -21.85 41.67
N PRO B 72 -35.79 -21.81 42.44
CA PRO B 72 -35.05 -20.55 42.63
C PRO B 72 -34.72 -19.81 41.34
N MET B 73 -34.43 -20.54 40.26
CA MET B 73 -34.14 -19.93 38.96
C MET B 73 -35.40 -19.32 38.35
N LEU B 74 -36.52 -20.03 38.48
CA LEU B 74 -37.83 -19.53 38.05
C LEU B 74 -38.25 -18.31 38.86
N GLN B 75 -37.87 -18.31 40.14
CA GLN B 75 -38.09 -17.18 41.04
C GLN B 75 -37.24 -16.00 40.57
N ALA B 76 -35.95 -16.25 40.36
CA ALA B 76 -35.00 -15.18 40.08
C ALA B 76 -35.47 -14.32 38.91
N VAL B 77 -36.03 -14.98 37.89
CA VAL B 77 -36.53 -14.30 36.70
C VAL B 77 -37.86 -13.59 37.03
N ALA B 78 -38.67 -14.20 37.88
CA ALA B 78 -39.88 -13.57 38.40
C ALA B 78 -39.61 -12.17 38.97
N LYS B 79 -38.66 -12.04 39.89
CA LYS B 79 -38.39 -10.77 40.59
C LYS B 79 -37.48 -9.80 39.80
N ASN B 80 -37.62 -9.81 38.47
CA ASN B 80 -36.97 -8.83 37.59
C ASN B 80 -37.80 -8.54 36.31
N ARG B 81 -39.10 -8.86 36.34
CA ARG B 81 -40.00 -8.67 35.20
C ARG B 81 -41.48 -8.93 35.58
N THR B 85 -42.80 -2.70 30.86
CA THR B 85 -43.72 -1.69 30.36
C THR B 85 -44.34 -2.14 29.05
N TYR B 86 -45.29 -1.35 28.54
CA TYR B 86 -45.94 -1.64 27.27
C TYR B 86 -45.66 -0.58 26.20
N GLU B 87 -45.56 0.68 26.62
CA GLU B 87 -45.34 1.78 25.67
C GLU B 87 -44.00 1.64 24.95
N ASP B 88 -42.97 1.20 25.67
CA ASP B 88 -41.62 1.03 25.11
C ASP B 88 -41.50 -0.09 24.06
N TYR B 89 -42.50 -0.99 24.02
CA TYR B 89 -42.58 -2.02 22.99
C TYR B 89 -43.02 -1.40 21.65
N LEU B 90 -43.95 -0.45 21.76
CA LEU B 90 -44.47 0.27 20.61
C LEU B 90 -43.42 1.25 20.03
N GLU B 91 -42.57 1.78 20.90
CA GLU B 91 -41.49 2.68 20.50
C GLU B 91 -40.36 1.92 19.81
N GLY B 92 -40.15 0.66 20.23
CA GLY B 92 -39.15 -0.21 19.63
C GLY B 92 -39.46 -0.57 18.19
N PHE B 93 -40.73 -0.85 17.87
CA PHE B 93 -41.15 -1.07 16.48
C PHE B 93 -41.15 0.24 15.72
N ARG B 94 -41.35 1.34 16.44
CA ARG B 94 -41.32 2.68 15.84
C ARG B 94 -39.94 2.97 15.27
N VAL B 95 -38.92 2.30 15.80
CA VAL B 95 -37.54 2.37 15.29
C VAL B 95 -37.47 1.89 13.85
N PHE B 96 -37.92 0.66 13.61
CA PHE B 96 -37.75 0.01 12.32
C PHE B 96 -38.74 0.49 11.24
N ASP B 97 -39.40 1.62 11.48
CA ASP B 97 -40.49 2.09 10.62
C ASP B 97 -40.13 3.33 9.76
N LYS B 98 -39.79 3.07 8.49
CA LYS B 98 -39.40 4.14 7.55
C LYS B 98 -40.57 4.59 6.67
N GLU B 99 -41.60 5.13 7.33
CA GLU B 99 -42.78 5.67 6.65
C GLU B 99 -43.64 6.50 7.63
N GLY B 100 -43.97 5.90 8.78
CA GLY B 100 -44.80 6.52 9.81
C GLY B 100 -46.21 5.95 9.86
N ASN B 101 -46.52 5.05 8.91
CA ASN B 101 -47.89 4.54 8.71
C ASN B 101 -48.17 3.22 9.44
N GLY B 102 -47.29 2.85 10.37
CA GLY B 102 -47.36 1.55 11.03
C GLY B 102 -46.88 0.37 10.17
N LYS B 103 -46.83 0.56 8.84
CA LYS B 103 -46.51 -0.51 7.88
C LYS B 103 -44.99 -0.69 7.66
N VAL B 104 -44.49 -1.87 8.05
CA VAL B 104 -43.07 -2.21 8.03
C VAL B 104 -42.82 -3.38 7.07
N MET B 105 -41.72 -3.32 6.33
CA MET B 105 -41.38 -4.37 5.35
C MET B 105 -41.23 -5.74 6.01
N GLY B 106 -41.55 -6.78 5.24
CA GLY B 106 -41.47 -8.15 5.71
C GLY B 106 -40.03 -8.61 5.68
N ALA B 107 -39.36 -8.33 4.56
CA ALA B 107 -37.95 -8.68 4.39
C ALA B 107 -37.06 -8.01 5.44
N GLU B 108 -37.34 -6.74 5.74
CA GLU B 108 -36.52 -5.96 6.69
C GLU B 108 -36.78 -6.30 8.17
N LEU B 109 -37.90 -6.96 8.46
CA LEU B 109 -38.20 -7.41 9.83
C LEU B 109 -37.57 -8.76 10.07
N ARG B 110 -37.67 -9.66 9.09
CA ARG B 110 -37.06 -10.98 9.18
C ARG B 110 -35.55 -10.85 9.35
N HIS B 111 -34.97 -10.01 8.49
CA HIS B 111 -33.53 -9.73 8.46
C HIS B 111 -33.01 -9.35 9.84
N VAL B 112 -33.52 -8.26 10.39
CA VAL B 112 -33.05 -7.79 11.71
C VAL B 112 -33.25 -8.85 12.79
N LEU B 113 -34.36 -9.59 12.73
CA LEU B 113 -34.68 -10.60 13.75
C LEU B 113 -33.81 -11.87 13.65
N THR B 114 -33.16 -12.06 12.50
CA THR B 114 -32.31 -13.23 12.25
C THR B 114 -30.82 -12.88 12.20
N THR B 115 -30.47 -11.59 12.31
CA THR B 115 -29.07 -11.18 12.30
C THR B 115 -28.73 -10.11 13.33
N LEU B 116 -29.47 -10.05 14.44
CA LEU B 116 -29.17 -9.08 15.49
C LEU B 116 -29.53 -9.60 16.88
N GLY B 117 -29.02 -8.92 17.89
CA GLY B 117 -29.25 -9.28 19.29
C GLY B 117 -29.08 -10.76 19.56
N GLU B 118 -30.09 -11.33 20.20
CA GLU B 118 -30.17 -12.77 20.42
C GLU B 118 -30.83 -13.34 19.17
N LYS B 119 -30.00 -13.65 18.18
CA LYS B 119 -30.44 -14.01 16.84
C LYS B 119 -31.37 -15.21 16.91
N MET B 120 -32.46 -15.15 16.15
CA MET B 120 -33.43 -16.25 16.07
C MET B 120 -33.32 -16.95 14.73
N THR B 121 -33.66 -18.24 14.71
CA THR B 121 -33.64 -19.00 13.46
C THR B 121 -34.75 -18.51 12.55
N GLU B 122 -34.54 -18.65 11.24
CA GLU B 122 -35.51 -18.23 10.23
C GLU B 122 -36.83 -18.98 10.33
N GLU B 123 -36.75 -20.19 10.87
CA GLU B 123 -37.91 -21.07 11.02
C GLU B 123 -38.81 -20.55 12.13
N GLU B 124 -38.19 -20.19 13.26
CA GLU B 124 -38.90 -19.58 14.38
C GLU B 124 -39.57 -18.29 13.94
N VAL B 125 -38.84 -17.50 13.16
CA VAL B 125 -39.32 -16.21 12.63
C VAL B 125 -40.43 -16.39 11.59
N GLU B 126 -40.54 -17.58 11.05
CA GLU B 126 -41.54 -17.89 10.04
C GLU B 126 -42.86 -18.22 10.68
N THR B 127 -42.82 -19.21 11.56
CA THR B 127 -44.00 -19.65 12.31
C THR B 127 -44.72 -18.49 13.04
N VAL B 128 -43.96 -17.47 13.43
CA VAL B 128 -44.53 -16.33 14.15
C VAL B 128 -45.22 -15.33 13.23
N LEU B 129 -44.57 -14.95 12.13
CA LEU B 129 -45.13 -13.96 11.22
C LEU B 129 -45.98 -14.64 10.13
N ALA B 130 -46.57 -15.79 10.48
CA ALA B 130 -47.34 -16.60 9.54
C ALA B 130 -48.69 -15.94 9.22
N GLY B 131 -48.79 -15.41 8.00
CA GLY B 131 -50.03 -14.79 7.54
C GLY B 131 -50.26 -13.35 7.95
N HIS B 132 -49.51 -12.84 8.94
CA HIS B 132 -49.65 -11.44 9.39
C HIS B 132 -49.01 -10.46 8.40
N GLU B 133 -49.05 -10.76 7.10
CA GLU B 133 -48.49 -9.88 6.08
C GLU B 133 -49.26 -9.94 4.77
N ASP B 134 -49.58 -8.75 4.24
CA ASP B 134 -50.32 -8.60 2.98
C ASP B 134 -49.45 -8.91 1.74
N SER B 135 -49.96 -8.57 0.55
CA SER B 135 -49.23 -8.76 -0.71
C SER B 135 -47.97 -7.87 -0.85
N ASN B 136 -48.08 -6.61 -0.43
CA ASN B 136 -46.95 -5.65 -0.48
C ASN B 136 -45.77 -5.95 0.46
N GLY B 137 -45.88 -6.99 1.29
CA GLY B 137 -44.90 -7.29 2.32
C GLY B 137 -44.90 -6.20 3.37
N CYS B 138 -46.08 -5.91 3.92
CA CYS B 138 -46.24 -4.94 5.00
C CYS B 138 -47.00 -5.56 6.18
N ILE B 139 -46.72 -5.07 7.39
CA ILE B 139 -47.35 -5.60 8.61
C ILE B 139 -47.53 -4.47 9.62
N ASN B 140 -48.78 -4.18 9.97
CA ASN B 140 -49.06 -3.25 11.05
C ASN B 140 -48.58 -3.86 12.35
N TYR B 141 -47.51 -3.29 12.88
CA TYR B 141 -46.89 -3.79 14.10
C TYR B 141 -47.87 -3.81 15.27
N GLU B 142 -48.76 -2.82 15.35
CA GLU B 142 -49.73 -2.75 16.45
C GLU B 142 -50.53 -4.05 16.55
N ALA B 143 -51.03 -4.51 15.40
CA ALA B 143 -51.78 -5.76 15.33
C ALA B 143 -50.91 -6.90 15.85
N PHE B 144 -49.69 -6.92 15.34
CA PHE B 144 -48.68 -7.94 15.64
C PHE B 144 -48.20 -7.90 17.10
N LEU B 145 -48.17 -6.71 17.68
CA LEU B 145 -47.61 -6.49 19.00
C LEU B 145 -48.55 -7.07 20.07
N LYS B 146 -49.84 -6.81 19.90
CA LYS B 146 -50.87 -7.32 20.80
C LYS B 146 -50.95 -8.85 20.72
N HIS B 147 -50.95 -9.37 19.50
CA HIS B 147 -51.03 -10.83 19.26
C HIS B 147 -49.97 -11.57 20.08
N ILE B 148 -48.71 -11.22 19.84
CA ILE B 148 -47.56 -11.89 20.47
C ILE B 148 -47.55 -11.82 21.99
N LEU B 149 -48.13 -10.75 22.56
CA LEU B 149 -48.11 -10.54 24.01
C LEU B 149 -49.05 -11.52 24.74
N SER B 150 -50.22 -11.79 24.18
CA SER B 150 -51.14 -12.78 24.75
C SER B 150 -50.79 -14.20 24.31
PB ADP C . 6.77 -3.90 -12.28
O1B ADP C . 7.09 -3.49 -13.67
O2B ADP C . 6.57 -2.80 -11.18
O3B ADP C . 8.13 -4.49 -11.90
PA ADP C . 5.07 -5.44 -13.72
O1A ADP C . 6.16 -5.73 -14.65
O2A ADP C . 4.12 -4.33 -14.20
O3A ADP C . 5.62 -5.01 -12.29
O5' ADP C . 4.24 -6.81 -13.49
C5' ADP C . 4.74 -7.87 -12.76
C4' ADP C . 3.79 -9.01 -13.04
O4' ADP C . 2.58 -8.87 -12.30
C3' ADP C . 3.40 -9.05 -14.50
O3' ADP C . 4.13 -10.01 -15.20
C2' ADP C . 1.96 -9.44 -14.49
O2' ADP C . 1.94 -10.81 -14.76
C1' ADP C . 1.45 -9.16 -13.09
N9 ADP C . 0.48 -8.04 -13.03
C8 ADP C . 0.71 -6.78 -12.54
N7 ADP C . -0.45 -6.07 -12.62
C5 ADP C . -1.41 -6.85 -13.16
C6 ADP C . -2.75 -6.62 -13.45
N6 ADP C . -3.33 -5.45 -13.25
N1 ADP C . -3.50 -7.63 -13.99
C2 ADP C . -2.91 -8.87 -14.22
N3 ADP C . -1.57 -9.10 -13.93
C4 ADP C . -0.83 -8.09 -13.41
#